data_3CFD
#
_entry.id   3CFD
#
_cell.length_a   59.990
_cell.length_b   72.480
_cell.length_c   77.230
_cell.angle_alpha   91.98
_cell.angle_beta   106.11
_cell.angle_gamma   114.15
#
_symmetry.space_group_name_H-M   'P 1'
#
loop_
_entity.id
_entity.type
_entity.pdbx_description
1 polymer 'PURPLE-FLUORESCENT ANTIBODY EP2-25C10-KAPPA LIGHT CHAIN'
2 polymer 'PURPLE-FLUORESCENT ANTIBODY EP2-25C10-IGG2B HEAVY CHAIN'
3 non-polymer '4-(4-STYRYL-PHENYLCARBAMOYL)-BUTYRIC ACID'
4 non-polymer GLYCEROL
5 water water
#
loop_
_entity_poly.entity_id
_entity_poly.type
_entity_poly.pdbx_seq_one_letter_code
_entity_poly.pdbx_strand_id
1 'polypeptide(L)'
;DIQMTQTTSSLSASLGDRVTISCRASQDISNYLNWYQQKPDGTVKLLIYYTSRLHSGVPSRFSGSGSGTDYSLTISNLDQ
DDIATYFCQQGTTLPPTFGGGTKLEIKRADAAPTVSIFPPSSEQLTSGGASVVCFLNNFYPKDINVKWKIDGSERQNGVL
NSWTDQDSKDSTYSMSSTLTLTKDEYERHNSYTCEATHKTSTSPIVKSFNRNEC
;
L,A
2 'polypeptide(L)'
;EVQLQESGPGLVKPSQSLSLTCTVTGYSITSDYAWNWLRQLPGNKLEWMGYISYSGRIRYNPSLKRRISITRDTSKNQFF
LQLNSVTTEDTATYYCARSDYGNYGRGDYWGQGTSVTVSSAKTTPPSVYPLAPGCGDTTGSSVTSGCLVKGYFPESVTVT
WNSGSLSSSVHTFPALLQSGLYTMSSSVTVPSSTWPSETVTCSVAHPASSTTVDKKLEPS
;
H,B
#
# COMPACT_ATOMS: atom_id res chain seq x y z
N ASP A 1 -15.72 21.48 7.81
CA ASP A 1 -15.22 21.57 6.41
C ASP A 1 -16.34 21.09 5.51
N ILE A 2 -16.55 21.76 4.39
CA ILE A 2 -17.41 21.21 3.35
C ILE A 2 -16.60 20.17 2.54
N GLN A 3 -17.10 18.94 2.44
CA GLN A 3 -16.40 17.92 1.67
C GLN A 3 -16.89 17.95 0.21
N MET A 4 -15.93 18.01 -0.74
CA MET A 4 -16.23 18.03 -2.18
C MET A 4 -15.88 16.70 -2.84
N THR A 5 -16.83 16.07 -3.50
CA THR A 5 -16.58 14.76 -4.08
C THR A 5 -16.77 14.76 -5.58
N GLN A 6 -15.74 14.34 -6.30
CA GLN A 6 -15.86 14.06 -7.75
C GLN A 6 -15.84 12.54 -7.94
N THR A 7 -17.01 11.95 -8.15
CA THR A 7 -17.15 10.47 -8.11
C THR A 7 -16.35 9.78 -9.20
N THR A 8 -16.17 10.45 -10.34
CA THR A 8 -15.35 9.93 -11.41
C THR A 8 -13.96 10.57 -11.35
N SER A 9 -12.95 9.72 -11.27
CA SER A 9 -11.57 10.19 -11.22
C SER A 9 -10.90 10.08 -12.58
N SER A 10 -11.37 9.15 -13.42
CA SER A 10 -10.80 8.92 -14.74
C SER A 10 -11.81 8.99 -15.86
N LEU A 11 -11.41 9.65 -16.95
CA LEU A 11 -12.28 9.87 -18.09
C LEU A 11 -11.47 9.84 -19.42
N SER A 12 -12.00 9.12 -20.41
CA SER A 12 -11.36 8.98 -21.69
C SER A 12 -12.37 9.31 -22.81
N ALA A 13 -12.04 10.26 -23.66
CA ALA A 13 -12.97 10.68 -24.71
C ALA A 13 -12.25 11.05 -26.02
N SER A 14 -13.01 11.16 -27.10
CA SER A 14 -12.43 11.47 -28.41
C SER A 14 -12.46 12.98 -28.69
N LEU A 15 -11.60 13.41 -29.61
CA LEU A 15 -11.62 14.79 -30.08
C LEU A 15 -12.96 15.15 -30.73
N GLY A 16 -13.47 16.34 -30.40
CA GLY A 16 -14.78 16.77 -30.86
C GLY A 16 -15.89 16.36 -29.91
N ASP A 17 -15.64 15.37 -29.07
CA ASP A 17 -16.67 14.88 -28.17
C ASP A 17 -17.04 15.93 -27.16
N ARG A 18 -18.13 15.65 -26.45
CA ARG A 18 -18.58 16.45 -25.33
C ARG A 18 -18.44 15.64 -24.04
N VAL A 19 -17.82 16.22 -23.03
CA VAL A 19 -17.56 15.52 -21.77
C VAL A 19 -18.21 16.29 -20.64
N THR A 20 -18.79 15.53 -19.72
CA THR A 20 -19.33 16.09 -18.49
C THR A 20 -18.58 15.56 -17.27
N ILE A 21 -18.14 16.47 -16.42
CA ILE A 21 -17.44 16.12 -15.16
C ILE A 21 -18.27 16.65 -13.98
N SER A 22 -18.55 15.79 -13.02
CA SER A 22 -19.51 16.14 -11.98
C SER A 22 -18.83 16.38 -10.63
N CYS A 23 -19.44 17.24 -9.84
CA CYS A 23 -18.95 17.62 -8.53
C CYS A 23 -20.13 17.73 -7.57
N ARG A 24 -19.94 17.19 -6.36
CA ARG A 24 -20.95 17.16 -5.32
C ARG A 24 -20.38 17.68 -4.01
N ALA A 25 -21.16 18.49 -3.29
CA ALA A 25 -20.76 19.06 -2.00
C ALA A 25 -21.57 18.48 -0.82
N SER A 26 -20.92 18.39 0.36
CA SER A 26 -21.53 17.77 1.55
C SER A 26 -22.69 18.60 2.14
N GLN A 27 -22.73 19.88 1.80
CA GLN A 27 -23.87 20.75 2.10
C GLN A 27 -24.10 21.72 0.94
N ASP A 28 -25.23 22.43 1.00
CA ASP A 28 -25.65 23.43 0.01
C ASP A 28 -24.62 24.54 -0.03
N ILE A 29 -24.15 24.88 -1.22
CA ILE A 29 -23.17 25.92 -1.36
C ILE A 29 -23.64 27.01 -2.29
N SER A 30 -24.93 27.04 -2.57
CA SER A 30 -25.56 28.20 -3.22
C SER A 30 -24.84 28.70 -4.45
N ASN A 31 -24.40 27.79 -5.31
CA ASN A 31 -23.77 28.18 -6.57
C ASN A 31 -22.35 28.77 -6.47
N TYR A 32 -21.83 28.89 -5.25
CA TYR A 32 -20.44 29.32 -5.08
C TYR A 32 -19.54 28.13 -5.34
N LEU A 33 -19.43 27.79 -6.62
CA LEU A 33 -18.59 26.68 -7.07
C LEU A 33 -17.71 27.12 -8.26
N ASN A 34 -16.41 26.87 -8.12
CA ASN A 34 -15.42 27.21 -9.14
C ASN A 34 -14.71 25.97 -9.69
N TRP A 35 -14.29 26.08 -10.95
CA TRP A 35 -13.65 24.97 -11.67
C TRP A 35 -12.26 25.38 -12.15
N TYR A 36 -11.32 24.44 -12.05
CA TYR A 36 -9.92 24.68 -12.36
C TYR A 36 -9.31 23.59 -13.26
N GLN A 37 -8.33 23.99 -14.06
CA GLN A 37 -7.64 23.02 -14.88
C GLN A 37 -6.20 22.92 -14.44
N GLN A 38 -5.76 21.71 -14.08
CA GLN A 38 -4.37 21.50 -13.74
C GLN A 38 -3.69 20.66 -14.83
N LYS A 39 -2.75 21.28 -15.54
CA LYS A 39 -1.99 20.60 -16.57
C LYS A 39 -0.98 19.65 -15.91
N PRO A 40 -0.51 18.63 -16.64
CA PRO A 40 0.42 17.67 -16.03
C PRO A 40 1.70 18.27 -15.47
N ASP A 41 2.14 19.42 -15.97
CA ASP A 41 3.33 20.08 -15.39
C ASP A 41 3.02 20.80 -14.08
N GLY A 42 1.76 20.77 -13.66
CA GLY A 42 1.38 21.39 -12.40
C GLY A 42 0.80 22.78 -12.52
N THR A 43 0.77 23.35 -13.72
CA THR A 43 0.25 24.70 -13.88
C THR A 43 -1.25 24.65 -13.67
N VAL A 44 -1.79 25.65 -12.98
CA VAL A 44 -3.21 25.66 -12.60
C VAL A 44 -3.88 26.92 -13.15
N LYS A 45 -5.06 26.75 -13.73
CA LYS A 45 -5.79 27.84 -14.37
C LYS A 45 -7.24 27.80 -13.97
N LEU A 46 -7.79 28.97 -13.66
CA LEU A 46 -9.21 29.14 -13.40
C LEU A 46 -10.01 29.12 -14.70
N LEU A 47 -11.04 28.26 -14.73
CA LEU A 47 -11.90 28.10 -15.89
C LEU A 47 -13.21 28.85 -15.71
N ILE A 48 -13.93 28.50 -14.64
CA ILE A 48 -15.33 28.93 -14.41
C ILE A 48 -15.53 29.21 -12.92
N TYR A 49 -16.13 30.37 -12.63
CA TYR A 49 -16.49 30.74 -11.26
C TYR A 49 -18.00 30.93 -11.13
N TYR A 50 -18.47 30.71 -9.90
CA TYR A 50 -19.88 30.90 -9.54
C TYR A 50 -20.78 30.02 -10.42
N THR A 51 -20.40 28.76 -10.56
CA THR A 51 -21.20 27.74 -11.29
C THR A 51 -21.03 27.83 -12.83
N SER A 52 -21.27 28.99 -13.42
CA SER A 52 -21.35 29.07 -14.87
C SER A 52 -20.71 30.28 -15.53
N ARG A 53 -20.05 31.14 -14.77
CA ARG A 53 -19.41 32.32 -15.36
C ARG A 53 -17.98 32.03 -15.80
N LEU A 54 -17.67 32.41 -17.04
CA LEU A 54 -16.36 32.16 -17.61
C LEU A 54 -15.32 33.14 -17.05
N HIS A 55 -14.19 32.61 -16.61
CA HIS A 55 -13.05 33.46 -16.30
C HIS A 55 -12.48 34.01 -17.61
N SER A 56 -11.95 35.23 -17.55
CA SER A 56 -11.38 35.91 -18.69
C SER A 56 -10.38 35.02 -19.41
N GLY A 57 -10.53 34.93 -20.73
CA GLY A 57 -9.62 34.17 -21.58
C GLY A 57 -10.09 32.77 -21.97
N VAL A 58 -10.94 32.16 -21.14
CA VAL A 58 -11.36 30.76 -21.30
C VAL A 58 -12.28 30.55 -22.51
N PRO A 59 -11.97 29.56 -23.35
CA PRO A 59 -12.83 29.32 -24.53
C PRO A 59 -14.26 28.93 -24.17
N SER A 60 -15.21 29.33 -25.03
CA SER A 60 -16.65 29.21 -24.74
C SER A 60 -17.19 27.76 -24.77
N ARG A 61 -16.35 26.82 -25.20
CA ARG A 61 -16.70 25.41 -25.15
C ARG A 61 -16.67 24.84 -23.71
N PHE A 62 -16.10 25.60 -22.78
CA PHE A 62 -16.22 25.27 -21.35
C PHE A 62 -17.48 25.93 -20.81
N SER A 63 -18.29 25.14 -20.10
CA SER A 63 -19.50 25.69 -19.49
C SER A 63 -19.80 24.90 -18.22
N GLY A 64 -20.63 25.47 -17.37
CA GLY A 64 -20.91 24.87 -16.07
C GLY A 64 -22.35 25.06 -15.65
N SER A 65 -22.85 24.11 -14.88
CA SER A 65 -24.23 24.18 -14.41
C SER A 65 -24.34 23.54 -13.02
N GLY A 66 -25.53 23.60 -12.43
CA GLY A 66 -25.79 23.04 -11.12
C GLY A 66 -26.52 23.98 -10.18
N SER A 67 -26.91 23.41 -9.05
CA SER A 67 -27.50 24.14 -7.93
C SER A 67 -27.42 23.26 -6.70
N GLY A 68 -27.63 23.86 -5.54
CA GLY A 68 -27.67 23.12 -4.30
C GLY A 68 -26.35 22.42 -4.02
N THR A 69 -26.38 21.10 -4.06
CA THR A 69 -25.20 20.31 -3.77
C THR A 69 -24.55 19.78 -5.03
N ASP A 70 -25.28 19.73 -6.14
CA ASP A 70 -24.79 19.05 -7.34
C ASP A 70 -24.36 20.04 -8.43
N TYR A 71 -23.15 19.85 -8.96
CA TYR A 71 -22.60 20.72 -9.98
C TYR A 71 -21.95 19.92 -11.10
N SER A 72 -21.89 20.49 -12.30
CA SER A 72 -21.20 19.81 -13.42
C SER A 72 -20.38 20.78 -14.28
N LEU A 73 -19.22 20.34 -14.74
CA LEU A 73 -18.45 21.03 -15.78
C LEU A 73 -18.64 20.30 -17.10
N THR A 74 -18.99 21.06 -18.13
CA THR A 74 -19.14 20.50 -19.47
C THR A 74 -18.11 21.08 -20.45
N ILE A 75 -17.29 20.20 -21.03
CA ILE A 75 -16.30 20.58 -22.05
C ILE A 75 -16.82 19.97 -23.34
N SER A 76 -17.20 20.81 -24.30
CA SER A 76 -17.66 20.29 -25.60
C SER A 76 -16.60 20.52 -26.67
N ASN A 77 -16.81 19.91 -27.83
CA ASN A 77 -15.86 20.06 -28.93
C ASN A 77 -14.43 19.89 -28.36
N LEU A 78 -14.21 18.74 -27.74
CA LEU A 78 -13.03 18.43 -26.95
C LEU A 78 -11.75 18.55 -27.77
N ASP A 79 -10.73 19.16 -27.17
CA ASP A 79 -9.52 19.58 -27.86
C ASP A 79 -8.31 18.81 -27.33
N GLN A 80 -7.29 18.65 -28.18
CA GLN A 80 -6.03 17.99 -27.85
C GLN A 80 -5.35 18.64 -26.62
N ASP A 81 -5.54 19.95 -26.48
CA ASP A 81 -4.95 20.73 -25.40
C ASP A 81 -5.59 20.49 -24.06
N ASP A 82 -6.77 19.86 -24.06
CA ASP A 82 -7.55 19.65 -22.83
C ASP A 82 -7.15 18.43 -22.01
N ILE A 83 -6.09 17.73 -22.40
CA ILE A 83 -5.47 16.70 -21.56
C ILE A 83 -5.05 17.37 -20.26
N ALA A 84 -5.76 17.04 -19.18
CA ALA A 84 -5.53 17.70 -17.90
C ALA A 84 -6.34 17.05 -16.78
N THR A 85 -6.18 17.56 -15.56
CA THR A 85 -7.02 17.16 -14.43
C THR A 85 -7.90 18.34 -13.99
N TYR A 86 -9.20 18.06 -13.82
CA TYR A 86 -10.20 19.10 -13.59
C TYR A 86 -10.80 19.00 -12.20
N PHE A 87 -10.62 20.09 -11.44
CA PHE A 87 -10.89 20.17 -10.00
C PHE A 87 -12.01 21.18 -9.76
N CYS A 88 -12.91 20.89 -8.82
CA CYS A 88 -13.91 21.87 -8.39
C CYS A 88 -13.54 22.42 -7.03
N GLN A 89 -14.16 23.53 -6.65
CA GLN A 89 -13.87 24.17 -5.35
C GLN A 89 -15.06 24.97 -4.85
N GLN A 90 -15.48 24.72 -3.60
CA GLN A 90 -16.53 25.53 -2.99
C GLN A 90 -15.95 26.85 -2.48
N GLY A 91 -16.62 27.95 -2.82
CA GLY A 91 -16.17 29.30 -2.45
C GLY A 91 -17.05 29.98 -1.41
N THR A 92 -17.76 29.20 -0.60
CA THR A 92 -18.72 29.80 0.29
C THR A 92 -18.24 29.93 1.73
N THR A 93 -17.28 29.11 2.18
CA THR A 93 -16.81 29.18 3.56
C THR A 93 -15.35 28.72 3.69
N LEU A 94 -14.73 29.09 4.80
CA LEU A 94 -13.35 28.71 5.11
C LEU A 94 -13.32 27.43 5.93
N PRO A 95 -12.35 26.54 5.68
CA PRO A 95 -11.34 26.62 4.62
C PRO A 95 -11.95 26.40 3.25
N PRO A 96 -11.41 27.02 2.19
CA PRO A 96 -11.79 26.70 0.86
C PRO A 96 -11.46 25.23 0.63
N THR A 97 -12.37 24.45 0.04
CA THR A 97 -12.09 23.02 -0.21
C THR A 97 -12.27 22.58 -1.69
N PHE A 98 -11.47 21.60 -2.07
CA PHE A 98 -11.39 21.16 -3.45
C PHE A 98 -11.82 19.71 -3.58
N GLY A 99 -12.28 19.38 -4.78
CA GLY A 99 -12.54 17.99 -5.13
C GLY A 99 -11.24 17.25 -5.43
N GLY A 100 -11.31 15.93 -5.52
CA GLY A 100 -10.16 15.08 -5.81
C GLY A 100 -9.68 15.12 -7.25
N GLY A 101 -10.47 15.72 -8.12
CA GLY A 101 -10.16 15.87 -9.52
C GLY A 101 -10.62 14.72 -10.40
N THR A 102 -10.85 15.04 -11.68
CA THR A 102 -11.09 14.05 -12.70
C THR A 102 -10.03 14.25 -13.77
N LYS A 103 -9.28 13.18 -14.07
CA LYS A 103 -8.27 13.12 -15.13
C LYS A 103 -8.93 12.80 -16.46
N LEU A 104 -8.51 13.53 -17.49
CA LEU A 104 -9.08 13.40 -18.82
C LEU A 104 -8.01 12.97 -19.82
N GLU A 105 -8.24 11.80 -20.42
CA GLU A 105 -7.40 11.26 -21.49
C GLU A 105 -8.09 11.50 -22.84
N ILE A 106 -7.34 11.93 -23.84
CA ILE A 106 -7.84 12.01 -25.21
C ILE A 106 -7.60 10.69 -25.93
N LYS A 107 -8.66 10.11 -26.47
CA LYS A 107 -8.56 8.85 -27.22
C LYS A 107 -7.82 9.09 -28.51
N ARG A 108 -7.44 7.98 -29.11
CA ARG A 108 -6.47 7.96 -30.19
C ARG A 108 -6.54 6.56 -30.80
N ALA A 109 -6.14 6.42 -32.07
CA ALA A 109 -6.08 5.09 -32.71
C ALA A 109 -5.08 4.19 -31.99
N ASP A 110 -5.35 2.88 -31.92
CA ASP A 110 -4.38 1.97 -31.29
C ASP A 110 -2.99 2.01 -31.97
N ALA A 111 -1.94 1.97 -31.14
CA ALA A 111 -0.56 1.98 -31.62
C ALA A 111 0.28 0.99 -30.80
N ALA A 112 1.02 0.12 -31.47
CA ALA A 112 1.97 -0.78 -30.80
C ALA A 112 3.26 -0.03 -30.45
N PRO A 113 3.94 -0.47 -29.39
CA PRO A 113 5.16 0.17 -28.90
C PRO A 113 6.42 -0.15 -29.67
N THR A 114 7.28 0.85 -29.86
CA THR A 114 8.64 0.63 -30.41
C THR A 114 9.58 0.29 -29.25
N VAL A 115 10.04 -0.97 -29.25
CA VAL A 115 10.75 -1.55 -28.12
C VAL A 115 12.26 -1.57 -28.39
N SER A 116 13.02 -0.97 -27.48
CA SER A 116 14.49 -0.97 -27.50
C SER A 116 15.03 -1.54 -26.19
N ILE A 117 16.04 -2.42 -26.26
CA ILE A 117 16.71 -2.96 -25.05
C ILE A 117 18.15 -2.46 -24.99
N PHE A 118 18.68 -2.28 -23.78
CA PHE A 118 20.03 -1.73 -23.61
C PHE A 118 20.80 -2.49 -22.55
N PRO A 119 22.04 -2.88 -22.87
CA PRO A 119 22.87 -3.55 -21.87
C PRO A 119 23.46 -2.52 -20.92
N PRO A 120 24.01 -2.99 -19.78
CA PRO A 120 24.68 -2.08 -18.85
C PRO A 120 25.84 -1.40 -19.53
N SER A 121 26.19 -0.22 -19.04
CA SER A 121 27.27 0.51 -19.62
C SER A 121 28.60 0.02 -19.08
N SER A 122 29.64 0.33 -19.84
CA SER A 122 31.03 0.12 -19.43
C SER A 122 31.32 0.75 -18.06
N GLU A 123 30.78 1.95 -17.87
CA GLU A 123 31.03 2.72 -16.67
C GLU A 123 30.33 2.12 -15.45
N GLN A 124 29.06 1.75 -15.61
CA GLN A 124 28.28 1.22 -14.49
C GLN A 124 28.85 -0.09 -13.95
N LEU A 125 29.35 -0.93 -14.85
CA LEU A 125 29.98 -2.18 -14.46
C LEU A 125 31.26 -1.94 -13.64
N THR A 126 32.00 -0.89 -13.96
CA THR A 126 33.19 -0.55 -13.17
C THR A 126 32.76 -0.22 -11.74
N SER A 127 31.67 0.53 -11.60
CA SER A 127 31.10 0.87 -10.30
C SER A 127 30.54 -0.33 -9.53
N GLY A 128 30.38 -1.49 -10.19
CA GLY A 128 29.95 -2.72 -9.52
C GLY A 128 28.47 -3.04 -9.64
N GLY A 129 27.71 -2.19 -10.32
CA GLY A 129 26.29 -2.42 -10.55
C GLY A 129 26.05 -2.82 -12.00
N ALA A 130 24.78 -3.08 -12.33
CA ALA A 130 24.41 -3.44 -13.69
C ALA A 130 22.92 -3.31 -13.91
N SER A 131 22.51 -2.25 -14.60
CA SER A 131 21.10 -2.05 -14.92
C SER A 131 20.91 -2.37 -16.40
N VAL A 132 20.00 -3.29 -16.70
CA VAL A 132 19.52 -3.50 -18.05
C VAL A 132 18.24 -2.70 -18.20
N VAL A 133 18.05 -2.12 -19.37
CA VAL A 133 16.98 -1.15 -19.54
C VAL A 133 16.24 -1.37 -20.83
N CYS A 134 14.93 -1.13 -20.75
CA CYS A 134 14.03 -1.24 -21.90
C CYS A 134 13.13 -0.02 -22.04
N PHE A 135 13.09 0.54 -23.24
CA PHE A 135 12.14 1.57 -23.57
C PHE A 135 11.00 0.96 -24.40
N LEU A 136 9.76 1.21 -23.99
CA LEU A 136 8.60 0.89 -24.80
C LEU A 136 7.90 2.20 -25.18
N ASN A 137 8.15 2.69 -26.38
CA ASN A 137 7.78 4.08 -26.74
C ASN A 137 6.54 4.23 -27.64
N ASN A 138 5.82 5.32 -27.44
CA ASN A 138 4.73 5.76 -28.31
C ASN A 138 3.67 4.70 -28.61
N PHE A 139 2.97 4.25 -27.57
CA PHE A 139 1.92 3.25 -27.75
C PHE A 139 0.57 3.74 -27.24
N TYR A 140 -0.50 3.10 -27.70
CA TYR A 140 -1.84 3.35 -27.20
C TYR A 140 -2.65 2.06 -27.30
N PRO A 141 -3.44 1.73 -26.26
CA PRO A 141 -3.66 2.41 -25.01
C PRO A 141 -2.61 2.12 -23.96
N LYS A 142 -2.69 2.87 -22.86
CA LYS A 142 -1.73 2.84 -21.75
C LYS A 142 -1.44 1.45 -21.16
N ASP A 143 -2.47 0.64 -21.02
CA ASP A 143 -2.31 -0.66 -20.39
C ASP A 143 -1.29 -1.50 -21.17
N ILE A 144 -0.33 -2.06 -20.46
CA ILE A 144 0.75 -2.84 -21.08
C ILE A 144 1.54 -3.61 -20.02
N ASN A 145 2.03 -4.79 -20.40
CA ASN A 145 2.80 -5.62 -19.47
C ASN A 145 4.19 -5.89 -20.02
N VAL A 146 5.20 -5.77 -19.17
CA VAL A 146 6.56 -6.11 -19.51
C VAL A 146 7.04 -7.27 -18.65
N LYS A 147 7.65 -8.26 -19.30
CA LYS A 147 8.22 -9.40 -18.65
C LYS A 147 9.72 -9.45 -18.98
N TRP A 148 10.56 -9.43 -17.95
CA TRP A 148 12.00 -9.64 -18.11
C TRP A 148 12.32 -11.12 -17.98
N LYS A 149 13.16 -11.64 -18.86
CA LYS A 149 13.63 -13.02 -18.76
C LYS A 149 15.16 -13.06 -18.77
N ILE A 150 15.71 -13.68 -17.72
CA ILE A 150 17.16 -13.84 -17.56
C ILE A 150 17.48 -15.31 -17.77
N ASP A 151 18.25 -15.61 -18.82
CA ASP A 151 18.48 -16.98 -19.30
C ASP A 151 17.15 -17.75 -19.34
N GLY A 152 16.14 -17.11 -19.90
CA GLY A 152 14.83 -17.73 -20.08
C GLY A 152 13.92 -17.75 -18.86
N SER A 153 14.48 -17.45 -17.69
CA SER A 153 13.76 -17.53 -16.43
C SER A 153 13.19 -16.17 -16.07
N GLU A 154 11.92 -16.13 -15.70
CA GLU A 154 11.23 -14.86 -15.45
C GLU A 154 11.74 -14.14 -14.19
N ARG A 155 11.90 -12.83 -14.29
CA ARG A 155 12.34 -12.03 -13.14
C ARG A 155 11.32 -10.97 -12.74
N GLN A 156 10.76 -11.10 -11.53
CA GLN A 156 9.81 -10.11 -10.99
C GLN A 156 10.51 -9.06 -10.09
N ASN A 157 11.45 -9.54 -9.27
CA ASN A 157 12.12 -8.71 -8.26
C ASN A 157 13.20 -7.81 -8.89
N GLY A 158 13.17 -6.52 -8.52
CA GLY A 158 14.23 -5.57 -8.90
C GLY A 158 13.93 -4.80 -10.17
N VAL A 159 12.63 -4.67 -10.49
CA VAL A 159 12.21 -4.08 -11.76
C VAL A 159 11.43 -2.79 -11.52
N LEU A 160 11.88 -1.71 -12.14
CA LEU A 160 11.21 -0.42 -12.02
C LEU A 160 10.58 -0.08 -13.36
N ASN A 161 9.28 0.19 -13.32
CA ASN A 161 8.49 0.57 -14.48
C ASN A 161 8.01 1.99 -14.29
N SER A 162 8.05 2.80 -15.33
CA SER A 162 7.76 4.23 -15.16
C SER A 162 7.10 4.76 -16.41
N TRP A 163 5.82 5.16 -16.29
CA TRP A 163 5.05 5.70 -17.43
C TRP A 163 5.16 7.21 -17.53
N THR A 164 5.17 7.70 -18.75
CA THR A 164 5.04 9.11 -19.00
C THR A 164 3.59 9.51 -18.94
N ASP A 165 3.35 10.82 -18.86
CA ASP A 165 2.02 11.35 -19.06
C ASP A 165 1.66 11.18 -20.52
N GLN A 166 0.38 11.25 -20.82
CA GLN A 166 -0.08 11.15 -22.20
C GLN A 166 0.55 12.28 -22.99
N ASP A 167 1.16 11.95 -24.13
CA ASP A 167 1.79 12.98 -24.95
C ASP A 167 0.78 14.02 -25.41
N SER A 168 1.03 15.28 -25.07
CA SER A 168 0.07 16.37 -25.31
C SER A 168 -0.18 16.65 -26.79
N LYS A 169 0.68 16.13 -27.66
CA LYS A 169 0.51 16.34 -29.09
C LYS A 169 -0.09 15.13 -29.80
N ASP A 170 0.46 13.93 -29.59
CA ASP A 170 -0.01 12.73 -30.31
C ASP A 170 -0.81 11.72 -29.48
N SER A 171 -1.05 12.01 -28.21
CA SER A 171 -1.89 11.13 -27.36
C SER A 171 -1.31 9.73 -27.09
N THR A 172 -0.02 9.53 -27.30
CA THR A 172 0.58 8.24 -26.98
C THR A 172 1.09 8.19 -25.53
N TYR A 173 1.37 6.99 -25.05
CA TYR A 173 2.13 6.77 -23.83
C TYR A 173 3.48 6.13 -24.14
N SER A 174 4.43 6.31 -23.23
CA SER A 174 5.72 5.62 -23.29
C SER A 174 6.05 5.09 -21.89
N MET A 175 7.01 4.18 -21.81
CA MET A 175 7.31 3.57 -20.52
C MET A 175 8.73 3.00 -20.47
N SER A 176 9.44 3.23 -19.38
CA SER A 176 10.75 2.60 -19.19
C SER A 176 10.68 1.45 -18.20
N SER A 177 11.34 0.35 -18.53
CA SER A 177 11.49 -0.77 -17.60
C SER A 177 12.96 -1.02 -17.32
N THR A 178 13.30 -1.13 -16.04
CA THR A 178 14.70 -1.23 -15.61
C THR A 178 14.88 -2.43 -14.64
N LEU A 179 15.80 -3.31 -15.01
CA LEU A 179 16.14 -4.46 -14.21
C LEU A 179 17.51 -4.20 -13.61
N THR A 180 17.56 -4.02 -12.29
CA THR A 180 18.82 -3.76 -11.63
C THR A 180 19.27 -4.99 -10.90
N LEU A 181 20.50 -5.42 -11.19
CA LEU A 181 21.18 -6.47 -10.41
C LEU A 181 22.64 -6.09 -10.18
N THR A 182 23.33 -6.92 -9.39
CA THR A 182 24.76 -6.73 -9.17
C THR A 182 25.57 -7.16 -10.38
N LYS A 183 26.80 -6.66 -10.48
CA LYS A 183 27.73 -7.06 -11.54
C LYS A 183 27.92 -8.59 -11.59
N ASP A 184 28.04 -9.21 -10.42
CA ASP A 184 28.30 -10.65 -10.37
C ASP A 184 27.10 -11.49 -10.82
N GLU A 185 25.89 -11.10 -10.38
CA GLU A 185 24.65 -11.68 -10.93
C GLU A 185 24.59 -11.47 -12.45
N TYR A 186 24.90 -10.27 -12.92
CA TYR A 186 24.87 -10.01 -14.35
C TYR A 186 25.81 -10.98 -15.07
N GLU A 187 27.03 -11.06 -14.54
CA GLU A 187 28.08 -11.82 -15.22
C GLU A 187 27.92 -13.32 -15.05
N ARG A 188 26.81 -13.77 -14.45
CA ARG A 188 26.56 -15.21 -14.31
C ARG A 188 25.54 -15.77 -15.28
N HIS A 189 25.12 -14.99 -16.28
CA HIS A 189 24.08 -15.40 -17.23
C HIS A 189 24.33 -14.79 -18.60
N ASN A 190 23.85 -15.45 -19.64
CA ASN A 190 24.13 -15.02 -21.01
C ASN A 190 23.05 -14.09 -21.59
N SER A 191 21.78 -14.50 -21.54
CA SER A 191 20.72 -13.80 -22.30
C SER A 191 19.76 -13.02 -21.45
N TYR A 192 19.50 -11.80 -21.90
CA TYR A 192 18.60 -10.87 -21.22
C TYR A 192 17.55 -10.45 -22.22
N THR A 193 16.29 -10.71 -21.89
CA THR A 193 15.18 -10.48 -22.79
C THR A 193 14.11 -9.58 -22.19
N CYS A 194 13.48 -8.81 -23.06
CA CYS A 194 12.52 -7.82 -22.68
C CYS A 194 11.25 -8.10 -23.47
N GLU A 195 10.16 -8.47 -22.82
CA GLU A 195 8.98 -8.95 -23.56
C GLU A 195 7.77 -8.05 -23.29
N ALA A 196 7.26 -7.43 -24.34
CA ALA A 196 6.16 -6.48 -24.20
C ALA A 196 4.86 -7.14 -24.68
N THR A 197 3.84 -7.11 -23.85
CA THR A 197 2.51 -7.58 -24.25
C THR A 197 1.51 -6.42 -24.29
N HIS A 198 0.88 -6.25 -25.44
CA HIS A 198 0.01 -5.12 -25.71
C HIS A 198 -1.19 -5.58 -26.54
N LYS A 199 -2.26 -4.81 -26.46
CA LYS A 199 -3.52 -5.08 -27.17
C LYS A 199 -3.32 -5.20 -28.67
N THR A 200 -2.37 -4.44 -29.20
CA THR A 200 -2.12 -4.32 -30.63
C THR A 200 -1.64 -5.60 -31.30
N SER A 201 -1.24 -6.59 -30.52
CA SER A 201 -0.63 -7.81 -31.08
C SER A 201 -0.97 -9.04 -30.27
N THR A 202 -1.23 -10.15 -30.95
CA THR A 202 -1.58 -11.39 -30.28
C THR A 202 -0.38 -11.99 -29.57
N SER A 203 0.83 -11.76 -30.08
CA SER A 203 2.03 -12.27 -29.43
C SER A 203 2.95 -11.13 -29.02
N PRO A 204 3.74 -11.35 -27.97
CA PRO A 204 4.54 -10.27 -27.45
C PRO A 204 5.57 -9.78 -28.44
N ILE A 205 6.02 -8.54 -28.27
CA ILE A 205 7.19 -8.02 -28.97
C ILE A 205 8.41 -8.30 -28.09
N VAL A 206 9.39 -9.02 -28.62
CA VAL A 206 10.53 -9.45 -27.83
C VAL A 206 11.80 -8.73 -28.30
N LYS A 207 12.58 -8.23 -27.36
CA LYS A 207 13.91 -7.73 -27.65
C LYS A 207 14.87 -8.36 -26.67
N SER A 208 16.07 -8.70 -27.14
CA SER A 208 17.08 -9.28 -26.27
C SER A 208 18.48 -9.19 -26.80
N PHE A 209 19.42 -9.48 -25.92
CA PHE A 209 20.80 -9.59 -26.30
C PHE A 209 21.48 -10.65 -25.47
N ASN A 210 22.55 -11.18 -26.05
CA ASN A 210 23.37 -12.17 -25.40
C ASN A 210 24.73 -11.53 -25.10
N ARG A 211 25.25 -11.77 -23.90
CA ARG A 211 26.59 -11.25 -23.54
C ARG A 211 27.73 -11.91 -24.31
N ASN A 212 27.55 -13.17 -24.71
CA ASN A 212 28.59 -13.88 -25.45
C ASN A 212 28.72 -13.43 -26.92
N GLU A 213 28.14 -12.27 -27.25
CA GLU A 213 28.18 -11.73 -28.60
C GLU A 213 28.79 -10.32 -28.64
N GLU B 1 -1.18 39.98 -16.51
CA GLU B 1 0.28 40.21 -16.20
C GLU B 1 0.58 40.09 -14.68
N VAL B 2 -0.42 39.73 -13.89
CA VAL B 2 -0.17 39.37 -12.50
C VAL B 2 0.61 38.05 -12.50
N GLN B 3 1.66 37.96 -11.68
CA GLN B 3 2.46 36.73 -11.58
C GLN B 3 2.91 36.49 -10.17
N LEU B 4 2.85 35.22 -9.77
CA LEU B 4 3.29 34.78 -8.47
C LEU B 4 4.30 33.67 -8.69
N GLN B 5 5.36 33.62 -7.90
CA GLN B 5 6.24 32.46 -7.91
C GLN B 5 6.82 32.17 -6.53
N GLU B 6 6.75 30.90 -6.16
CA GLU B 6 7.21 30.47 -4.87
C GLU B 6 8.67 30.04 -4.96
N SER B 7 9.38 30.19 -3.84
CA SER B 7 10.78 29.78 -3.76
C SER B 7 11.07 29.42 -2.32
N GLY B 8 12.22 28.79 -2.11
CA GLY B 8 12.61 28.30 -0.79
C GLY B 8 13.20 26.92 -0.93
N PRO B 9 13.76 26.37 0.16
CA PRO B 9 14.44 25.08 0.05
C PRO B 9 13.52 23.94 -0.35
N GLY B 10 14.06 23.01 -1.12
CA GLY B 10 13.32 21.85 -1.59
C GLY B 10 13.47 20.63 -0.70
N LEU B 11 14.34 20.73 0.30
CA LEU B 11 14.56 19.64 1.24
C LEU B 11 14.64 20.15 2.69
N VAL B 12 13.80 19.60 3.58
CA VAL B 12 13.80 20.00 4.98
C VAL B 12 13.86 18.75 5.87
N LYS B 13 14.60 18.83 6.97
CA LYS B 13 14.72 17.69 7.87
C LYS B 13 13.52 17.61 8.81
N PRO B 14 13.08 16.39 9.14
CA PRO B 14 11.99 16.20 10.10
C PRO B 14 12.19 17.01 11.37
N SER B 15 11.10 17.59 11.85
CA SER B 15 11.09 18.32 13.12
C SER B 15 11.53 19.79 12.98
N GLN B 16 12.09 20.15 11.84
CA GLN B 16 12.45 21.54 11.58
C GLN B 16 11.28 22.28 10.94
N SER B 17 11.45 23.57 10.71
CA SER B 17 10.43 24.33 10.04
C SER B 17 10.72 24.48 8.55
N LEU B 18 9.64 24.45 7.77
CA LEU B 18 9.65 24.67 6.32
C LEU B 18 9.33 26.13 6.07
N SER B 19 10.16 26.81 5.28
CA SER B 19 9.95 28.24 4.94
C SER B 19 9.88 28.47 3.45
N LEU B 20 8.87 29.19 3.00
CA LEU B 20 8.75 29.53 1.58
C LEU B 20 8.38 31.00 1.39
N THR B 21 8.77 31.52 0.22
CA THR B 21 8.44 32.88 -0.16
C THR B 21 7.68 32.85 -1.46
N CYS B 22 6.67 33.72 -1.57
CA CYS B 22 5.97 33.97 -2.82
C CYS B 22 6.27 35.42 -3.23
N THR B 23 6.83 35.59 -4.42
CA THR B 23 7.14 36.91 -4.98
C THR B 23 6.04 37.33 -5.94
N VAL B 24 5.42 38.48 -5.71
CA VAL B 24 4.30 38.91 -6.56
C VAL B 24 4.72 40.04 -7.45
N THR B 25 4.41 39.95 -8.73
CA THR B 25 4.74 41.02 -9.66
C THR B 25 3.51 41.42 -10.45
N GLY B 26 3.49 42.67 -10.90
CA GLY B 26 2.40 43.19 -11.76
C GLY B 26 1.15 43.60 -11.01
N TYR B 27 1.14 43.37 -9.71
CA TYR B 27 0.04 43.77 -8.85
C TYR B 27 0.57 43.95 -7.44
N SER B 28 -0.06 44.83 -6.66
CA SER B 28 0.45 45.11 -5.32
C SER B 28 -0.37 44.36 -4.28
N ILE B 29 0.29 43.70 -3.33
CA ILE B 29 -0.40 42.82 -2.38
C ILE B 29 -1.18 43.58 -1.31
N THR B 30 -1.11 44.91 -1.35
CA THR B 30 -1.81 45.83 -0.47
C THR B 30 -3.08 46.42 -1.11
N SER B 31 -3.21 46.32 -2.43
CA SER B 31 -4.34 46.95 -3.13
C SER B 31 -5.67 46.31 -2.86
N ASP B 32 -5.75 44.98 -2.99
CA ASP B 32 -6.99 44.24 -2.84
C ASP B 32 -6.65 42.75 -2.77
N TYR B 33 -7.64 41.89 -2.56
CA TYR B 33 -7.45 40.43 -2.65
C TYR B 33 -6.83 39.80 -1.41
N ALA B 34 -6.83 38.47 -1.42
CA ALA B 34 -6.25 37.65 -0.38
C ALA B 34 -5.10 36.90 -0.99
N TRP B 35 -4.12 36.55 -0.18
CA TRP B 35 -2.90 36.00 -0.71
C TRP B 35 -2.66 34.69 0.00
N ASN B 36 -2.79 33.59 -0.75
CA ASN B 36 -3.00 32.28 -0.17
C ASN B 36 -1.80 31.33 -0.24
N TRP B 37 -1.71 30.43 0.73
CA TRP B 37 -0.81 29.29 0.61
C TRP B 37 -1.63 28.03 0.53
N LEU B 38 -1.29 27.15 -0.41
CA LEU B 38 -1.94 25.86 -0.59
C LEU B 38 -0.90 24.77 -0.82
N ARG B 39 -1.31 23.51 -0.64
CA ARG B 39 -0.43 22.39 -0.91
C ARG B 39 -1.16 21.18 -1.42
N GLN B 40 -0.46 20.40 -2.23
CA GLN B 40 -1.01 19.21 -2.87
C GLN B 40 -0.13 18.04 -2.48
N LEU B 41 -0.71 17.10 -1.76
CA LEU B 41 0.06 15.98 -1.30
C LEU B 41 0.04 14.87 -2.33
N PRO B 42 0.93 13.87 -2.18
CA PRO B 42 0.88 12.60 -2.90
C PRO B 42 -0.54 12.03 -2.98
N GLY B 43 -1.03 11.86 -4.21
CA GLY B 43 -2.39 11.39 -4.42
C GLY B 43 -3.29 12.50 -4.92
N ASN B 44 -2.68 13.65 -5.19
CA ASN B 44 -3.36 14.77 -5.87
C ASN B 44 -4.48 15.50 -5.08
N LYS B 45 -4.50 15.29 -3.77
CA LYS B 45 -5.52 15.85 -2.86
C LYS B 45 -5.12 17.28 -2.40
N LEU B 46 -5.83 18.29 -2.91
CA LEU B 46 -5.41 19.67 -2.78
C LEU B 46 -5.93 20.30 -1.49
N GLU B 47 -5.07 21.02 -0.76
CA GLU B 47 -5.40 21.52 0.58
C GLU B 47 -5.03 23.02 0.77
N TRP B 48 -6.00 23.84 1.16
CA TRP B 48 -5.74 25.24 1.50
C TRP B 48 -5.09 25.35 2.88
N MET B 49 -4.05 26.18 2.98
CA MET B 49 -3.30 26.29 4.22
C MET B 49 -3.70 27.56 4.97
N GLY B 50 -3.73 28.69 4.27
CA GLY B 50 -4.04 29.96 4.91
C GLY B 50 -3.98 31.12 3.95
N TYR B 51 -4.35 32.31 4.44
CA TYR B 51 -4.10 33.54 3.69
C TYR B 51 -3.69 34.70 4.54
N ILE B 52 -3.14 35.71 3.87
CA ILE B 52 -3.02 37.05 4.41
C ILE B 52 -3.74 38.00 3.44
N SER B 53 -4.72 38.73 3.95
CA SER B 53 -5.47 39.65 3.14
C SER B 53 -4.61 40.86 2.80
N TYR B 54 -5.09 41.67 1.86
CA TYR B 54 -4.43 42.94 1.52
C TYR B 54 -4.39 43.91 2.72
N SER B 55 -5.25 43.67 3.73
CA SER B 55 -5.28 44.53 4.90
C SER B 55 -4.53 43.94 6.08
N GLY B 56 -3.89 42.80 5.87
CA GLY B 56 -3.08 42.17 6.92
C GLY B 56 -3.84 41.15 7.76
N ARG B 57 -5.09 40.88 7.41
CA ARG B 57 -5.86 39.88 8.16
C ARG B 57 -5.43 38.48 7.77
N ILE B 58 -5.44 37.57 8.73
CA ILE B 58 -4.88 36.24 8.51
C ILE B 58 -5.86 35.15 8.94
N ARG B 59 -5.93 34.10 8.15
CA ARG B 59 -6.76 32.94 8.51
C ARG B 59 -6.04 31.65 8.12
N TYR B 60 -6.33 30.59 8.87
CA TYR B 60 -5.64 29.32 8.70
C TYR B 60 -6.59 28.13 8.69
N ASN B 61 -6.23 27.10 7.95
CA ASN B 61 -6.92 25.84 8.00
C ASN B 61 -6.77 25.24 9.41
N PRO B 62 -7.89 24.90 10.04
CA PRO B 62 -7.86 24.40 11.41
C PRO B 62 -6.93 23.18 11.63
N SER B 63 -6.69 22.40 10.58
CA SER B 63 -5.80 21.24 10.65
C SER B 63 -4.31 21.63 10.76
N LEU B 64 -4.00 22.90 10.57
CA LEU B 64 -2.62 23.36 10.52
C LEU B 64 -2.34 24.56 11.43
N LYS B 65 -3.39 25.15 12.05
CA LYS B 65 -3.25 26.42 12.78
C LYS B 65 -2.22 26.33 13.90
N ARG B 66 -2.10 25.16 14.52
CA ARG B 66 -1.13 24.95 15.58
C ARG B 66 0.34 25.09 15.10
N ARG B 67 0.62 24.90 13.82
CA ARG B 67 2.01 24.85 13.33
C ARG B 67 2.35 25.92 12.26
N ILE B 68 1.40 26.74 11.87
CA ILE B 68 1.55 27.55 10.68
C ILE B 68 1.63 29.05 11.01
N SER B 69 2.34 29.79 10.16
CA SER B 69 2.43 31.23 10.31
C SER B 69 2.64 31.88 8.93
N ILE B 70 1.73 32.77 8.54
CA ILE B 70 1.85 33.53 7.31
C ILE B 70 2.14 35.01 7.63
N THR B 71 3.15 35.55 6.96
CA THR B 71 3.58 36.95 7.14
C THR B 71 3.70 37.59 5.77
N ARG B 72 3.91 38.90 5.74
CA ARG B 72 4.04 39.62 4.49
C ARG B 72 5.18 40.62 4.63
N ASP B 73 5.75 41.04 3.51
CA ASP B 73 6.69 42.15 3.50
C ASP B 73 6.25 43.02 2.34
N THR B 74 5.63 44.14 2.67
CA THR B 74 4.96 44.96 1.66
C THR B 74 5.97 45.82 0.93
N SER B 75 7.15 45.90 1.52
CA SER B 75 8.28 46.63 0.92
C SER B 75 8.85 45.93 -0.31
N LYS B 76 8.90 44.60 -0.25
CA LYS B 76 9.37 43.71 -1.31
C LYS B 76 8.22 43.10 -2.10
N ASN B 77 6.98 43.36 -1.66
CA ASN B 77 5.78 42.82 -2.30
C ASN B 77 5.82 41.29 -2.34
N GLN B 78 6.10 40.74 -1.16
CA GLN B 78 6.29 39.33 -0.95
C GLN B 78 5.43 38.89 0.22
N PHE B 79 4.96 37.64 0.19
CA PHE B 79 4.39 37.04 1.39
C PHE B 79 4.99 35.65 1.67
N PHE B 80 4.98 35.26 2.95
CA PHE B 80 5.78 34.13 3.42
C PHE B 80 4.96 33.08 4.16
N LEU B 81 5.42 31.84 4.06
CA LEU B 81 4.85 30.70 4.81
C LEU B 81 5.93 30.12 5.71
N GLN B 82 5.59 29.89 6.97
CA GLN B 82 6.40 29.07 7.84
C GLN B 82 5.49 27.97 8.43
N LEU B 83 5.94 26.72 8.29
CA LEU B 83 5.25 25.57 8.86
C LEU B 83 6.21 24.80 9.76
N ASN B 84 5.88 24.72 11.05
CA ASN B 84 6.80 24.17 12.06
C ASN B 84 6.62 22.69 12.30
N SER B 85 7.66 22.09 12.91
CA SER B 85 7.66 20.68 13.29
C SER B 85 7.28 19.72 12.16
N VAL B 86 7.86 19.88 10.99
CA VAL B 86 7.44 19.08 9.83
C VAL B 86 7.79 17.59 9.96
N THR B 87 6.96 16.75 9.35
CA THR B 87 7.22 15.32 9.23
C THR B 87 7.08 14.95 7.75
N THR B 88 7.29 13.67 7.43
CA THR B 88 7.18 13.18 6.05
C THR B 88 5.80 13.49 5.45
N GLU B 89 4.75 13.46 6.26
CA GLU B 89 3.42 13.88 5.85
C GLU B 89 3.34 15.28 5.24
N ASP B 90 4.36 16.11 5.49
CA ASP B 90 4.35 17.48 4.96
C ASP B 90 5.12 17.59 3.65
N THR B 91 5.55 16.45 3.12
CA THR B 91 6.09 16.37 1.77
C THR B 91 4.97 16.62 0.76
N ALA B 92 5.10 17.67 -0.05
CA ALA B 92 4.06 18.05 -1.01
C ALA B 92 4.60 18.98 -2.07
N THR B 93 3.74 19.35 -3.01
CA THR B 93 3.97 20.50 -3.88
C THR B 93 3.26 21.67 -3.22
N TYR B 94 3.97 22.79 -3.04
CA TYR B 94 3.43 23.96 -2.37
C TYR B 94 3.12 25.04 -3.39
N TYR B 95 1.93 25.64 -3.26
CA TYR B 95 1.47 26.68 -4.18
C TYR B 95 1.13 27.95 -3.45
N CYS B 96 1.46 29.09 -4.05
CA CYS B 96 0.84 30.34 -3.66
C CYS B 96 -0.20 30.77 -4.73
N ALA B 97 -1.24 31.47 -4.27
CA ALA B 97 -2.36 31.88 -5.16
C ALA B 97 -3.05 33.12 -4.68
N ARG B 98 -3.50 33.94 -5.62
CA ARG B 98 -4.28 35.12 -5.30
C ARG B 98 -5.73 34.72 -5.38
N SER B 99 -6.54 35.23 -4.47
CA SER B 99 -7.96 34.94 -4.51
C SER B 99 -8.77 36.15 -4.13
N ASP B 100 -10.05 36.12 -4.50
CA ASP B 100 -11.05 37.05 -3.97
C ASP B 100 -10.94 36.98 -2.47
N TYR B 101 -11.04 38.13 -1.83
CA TYR B 101 -11.18 38.19 -0.41
C TYR B 101 -12.68 38.15 -0.12
N GLY B 102 -13.23 36.95 -0.05
CA GLY B 102 -14.68 36.77 0.04
C GLY B 102 -15.32 36.76 -1.33
N ASN B 103 -16.48 37.38 -1.43
CA ASN B 103 -17.38 37.23 -2.57
C ASN B 103 -17.32 35.85 -3.24
N TYR B 104 -16.87 35.75 -4.49
CA TYR B 104 -16.90 34.49 -5.21
C TYR B 104 -15.86 33.46 -4.77
N GLY B 105 -14.87 33.88 -3.99
CA GLY B 105 -13.84 32.97 -3.47
C GLY B 105 -13.05 32.23 -4.53
N ARG B 106 -12.77 32.89 -5.64
CA ARG B 106 -12.06 32.22 -6.70
C ARG B 106 -10.57 32.57 -6.64
N GLY B 107 -9.72 31.57 -6.93
CA GLY B 107 -8.28 31.78 -7.04
C GLY B 107 -7.94 32.12 -8.49
N ASP B 108 -7.65 33.39 -8.77
CA ASP B 108 -7.53 33.81 -10.18
C ASP B 108 -6.12 33.78 -10.79
N TYR B 109 -5.09 33.76 -9.95
CA TYR B 109 -3.72 33.58 -10.42
C TYR B 109 -2.97 32.62 -9.51
N TRP B 110 -2.23 31.69 -10.08
CA TRP B 110 -1.49 30.74 -9.29
C TRP B 110 -0.03 30.71 -9.67
N GLY B 111 0.82 30.55 -8.66
CA GLY B 111 2.19 30.15 -8.91
C GLY B 111 2.28 28.73 -9.51
N GLN B 112 3.44 28.41 -10.08
CA GLN B 112 3.66 27.14 -10.77
C GLN B 112 3.78 25.96 -9.82
N GLY B 113 4.03 26.24 -8.55
CA GLY B 113 4.19 25.20 -7.56
C GLY B 113 5.67 24.95 -7.31
N THR B 114 6.04 24.75 -6.04
CA THR B 114 7.38 24.28 -5.70
C THR B 114 7.32 23.04 -4.83
N SER B 115 8.23 22.11 -5.11
CA SER B 115 8.23 20.82 -4.45
C SER B 115 9.10 20.83 -3.17
N VAL B 116 8.50 20.51 -2.02
CA VAL B 116 9.25 20.36 -0.76
C VAL B 116 9.20 18.90 -0.25
N THR B 117 10.37 18.37 0.09
CA THR B 117 10.50 17.00 0.57
C THR B 117 11.00 17.02 2.01
N VAL B 118 10.34 16.26 2.86
CA VAL B 118 10.73 16.16 4.26
C VAL B 118 11.31 14.78 4.53
N SER B 119 12.63 14.74 4.68
CA SER B 119 13.36 13.48 4.90
C SER B 119 14.67 13.75 5.60
N SER B 120 15.20 12.73 6.27
CA SER B 120 16.48 12.87 6.95
C SER B 120 17.65 12.46 6.04
N ALA B 121 17.34 12.03 4.82
CA ALA B 121 18.33 11.54 3.86
C ALA B 121 19.28 12.64 3.35
N LYS B 122 20.49 12.23 2.96
CA LYS B 122 21.53 13.17 2.52
C LYS B 122 21.38 13.55 1.05
N THR B 123 21.76 14.77 0.71
CA THR B 123 21.71 15.24 -0.67
C THR B 123 22.87 14.66 -1.47
N THR B 124 22.53 13.86 -2.50
CA THR B 124 23.47 13.05 -3.27
C THR B 124 23.39 13.35 -4.77
N PRO B 125 24.54 13.53 -5.43
CA PRO B 125 24.51 13.73 -6.88
C PRO B 125 24.21 12.44 -7.65
N PRO B 126 23.72 12.58 -8.89
CA PRO B 126 23.43 11.40 -9.70
C PRO B 126 24.63 10.82 -10.41
N SER B 127 24.56 9.51 -10.67
CA SER B 127 25.44 8.84 -11.60
C SER B 127 24.73 8.86 -12.95
N VAL B 128 25.45 9.17 -14.01
CA VAL B 128 24.86 9.25 -15.34
C VAL B 128 25.51 8.21 -16.27
N TYR B 129 24.67 7.33 -16.81
CA TYR B 129 25.11 6.22 -17.64
C TYR B 129 24.52 6.31 -19.03
N PRO B 130 25.35 6.10 -20.06
CA PRO B 130 24.86 6.13 -21.43
C PRO B 130 24.09 4.87 -21.78
N LEU B 131 23.07 5.01 -22.63
CA LEU B 131 22.32 3.85 -23.14
C LEU B 131 22.43 3.79 -24.65
N ALA B 132 23.32 2.91 -25.12
CA ALA B 132 23.58 2.67 -26.55
C ALA B 132 23.30 1.22 -26.93
N PRO B 133 22.78 0.99 -28.14
CA PRO B 133 22.47 -0.38 -28.54
C PRO B 133 23.68 -1.30 -28.44
N GLY B 134 23.44 -2.58 -28.13
CA GLY B 134 24.48 -3.61 -28.08
C GLY B 134 25.14 -3.79 -29.44
N CYS B 135 26.31 -4.43 -29.47
CA CYS B 135 27.12 -4.45 -30.69
C CYS B 135 26.45 -5.18 -31.84
N GLY B 136 25.97 -6.39 -31.57
CA GLY B 136 25.34 -7.22 -32.62
C GLY B 136 23.92 -6.80 -33.02
N ASP B 137 23.42 -5.74 -32.40
CA ASP B 137 22.07 -5.26 -32.59
C ASP B 137 21.96 -4.32 -33.81
N THR B 138 22.02 -4.91 -35.01
CA THR B 138 21.85 -4.17 -36.28
C THR B 138 20.40 -3.68 -36.43
N THR B 139 20.21 -2.39 -36.73
CA THR B 139 18.89 -1.76 -36.64
C THR B 139 18.28 -1.43 -38.02
N GLY B 140 17.35 -0.45 -38.05
CA GLY B 140 16.70 0.00 -39.28
C GLY B 140 16.58 1.53 -39.37
N SER B 141 15.34 2.00 -39.57
CA SER B 141 15.06 3.36 -40.03
C SER B 141 15.54 4.50 -39.11
N SER B 142 15.37 4.30 -37.80
CA SER B 142 15.89 5.23 -36.80
C SER B 142 16.43 4.48 -35.56
N VAL B 143 17.06 5.24 -34.66
CA VAL B 143 17.82 4.68 -33.56
C VAL B 143 17.43 5.39 -32.28
N THR B 144 17.13 4.61 -31.24
CA THR B 144 16.83 5.15 -29.90
C THR B 144 18.04 5.02 -28.99
N SER B 145 18.42 6.13 -28.38
CA SER B 145 19.52 6.21 -27.45
C SER B 145 18.93 6.71 -26.14
N GLY B 146 19.64 6.53 -25.03
CA GLY B 146 19.20 7.11 -23.75
C GLY B 146 20.29 7.35 -22.72
N CYS B 147 19.89 7.94 -21.60
CA CYS B 147 20.72 8.04 -20.39
C CYS B 147 19.98 7.52 -19.16
N LEU B 148 20.72 6.90 -18.27
CA LEU B 148 20.19 6.42 -16.99
C LEU B 148 20.74 7.29 -15.87
N VAL B 149 19.86 8.00 -15.17
CA VAL B 149 20.24 8.82 -14.02
C VAL B 149 19.86 8.08 -12.74
N LYS B 150 20.84 7.53 -12.04
CA LYS B 150 20.58 6.64 -10.90
C LYS B 150 21.26 7.12 -9.61
N GLY B 151 20.62 6.88 -8.48
CA GLY B 151 21.24 7.05 -7.16
C GLY B 151 21.40 8.47 -6.63
N TYR B 152 20.40 9.32 -6.88
CA TYR B 152 20.44 10.72 -6.42
C TYR B 152 19.34 11.06 -5.40
N PHE B 153 19.54 12.19 -4.73
CA PHE B 153 18.58 12.73 -3.78
C PHE B 153 18.88 14.21 -3.51
N PRO B 154 17.84 15.03 -3.39
CA PRO B 154 16.43 14.79 -3.66
C PRO B 154 16.10 14.95 -5.14
N GLU B 155 14.81 14.83 -5.48
CA GLU B 155 14.34 15.22 -6.81
C GLU B 155 14.43 16.73 -6.85
N SER B 156 14.61 17.38 -8.00
CA SER B 156 14.46 16.84 -9.34
C SER B 156 15.74 16.88 -10.14
N VAL B 157 15.63 16.38 -11.37
CA VAL B 157 16.75 16.32 -12.30
C VAL B 157 16.26 16.82 -13.67
N THR B 158 17.11 17.50 -14.42
CA THR B 158 16.77 17.86 -15.81
C THR B 158 17.72 17.15 -16.79
N VAL B 159 17.15 16.52 -17.80
CA VAL B 159 17.93 15.91 -18.86
C VAL B 159 17.66 16.70 -20.15
N THR B 160 18.70 17.27 -20.74
CA THR B 160 18.58 17.90 -22.06
C THR B 160 19.52 17.22 -23.07
N TRP B 161 19.12 17.18 -24.34
CA TRP B 161 19.87 16.51 -25.40
C TRP B 161 20.39 17.47 -26.47
N ASN B 162 21.54 17.14 -27.04
CA ASN B 162 22.07 17.81 -28.25
C ASN B 162 22.56 16.76 -29.25
N SER B 163 22.11 16.88 -30.50
CA SER B 163 22.39 15.86 -31.55
C SER B 163 22.68 16.44 -32.97
N GLY B 164 21.82 17.34 -33.47
CA GLY B 164 22.02 17.98 -34.78
C GLY B 164 20.77 18.09 -35.64
N SER B 165 19.87 17.11 -35.53
CA SER B 165 18.59 17.09 -36.27
C SER B 165 17.36 17.36 -35.36
N LEU B 166 16.55 18.35 -35.74
CA LEU B 166 15.33 18.72 -34.98
C LEU B 166 14.16 17.74 -35.17
N SER B 167 14.46 16.52 -35.65
CA SER B 167 13.49 15.41 -35.65
C SER B 167 13.84 14.46 -34.47
N SER B 168 14.08 15.07 -33.31
CA SER B 168 14.37 14.33 -32.08
C SER B 168 13.15 14.30 -31.16
N SER B 169 12.56 13.12 -31.01
CA SER B 169 11.51 12.92 -30.02
C SER B 169 12.19 12.51 -28.71
N VAL B 170 11.95 13.28 -27.67
CA VAL B 170 12.50 12.99 -26.34
C VAL B 170 11.40 12.47 -25.43
N HIS B 171 11.72 11.49 -24.61
CA HIS B 171 10.83 11.09 -23.53
C HIS B 171 11.58 11.16 -22.20
N THR B 172 10.92 11.72 -21.20
CA THR B 172 11.48 11.87 -19.86
C THR B 172 10.63 11.07 -18.88
N PHE B 173 11.20 10.00 -18.34
CA PHE B 173 10.43 9.09 -17.46
C PHE B 173 10.52 9.52 -15.99
N PRO B 174 9.38 9.61 -15.31
CA PRO B 174 9.43 10.07 -13.92
C PRO B 174 10.29 9.17 -13.08
N ALA B 175 10.96 9.76 -12.08
CA ALA B 175 11.82 9.06 -11.16
C ALA B 175 11.05 8.11 -10.23
N LEU B 176 11.72 7.08 -9.76
CA LEU B 176 11.20 6.20 -8.73
C LEU B 176 12.25 6.03 -7.61
N LEU B 177 11.78 5.68 -6.42
CA LEU B 177 12.63 5.47 -5.26
C LEU B 177 13.14 4.05 -5.22
N GLN B 178 14.44 3.90 -5.43
CA GLN B 178 15.09 2.59 -5.38
C GLN B 178 15.89 2.49 -4.08
N SER B 179 15.21 2.06 -3.01
CA SER B 179 15.82 1.85 -1.69
C SER B 179 16.56 3.09 -1.19
N GLY B 180 15.77 4.11 -0.83
CA GLY B 180 16.31 5.37 -0.34
C GLY B 180 16.64 6.40 -1.40
N LEU B 181 16.95 5.98 -2.62
CA LEU B 181 17.47 6.90 -3.65
C LEU B 181 16.65 6.88 -4.94
N TYR B 182 16.74 7.96 -5.71
CA TYR B 182 15.98 8.13 -6.94
C TYR B 182 16.72 7.65 -8.19
N THR B 183 15.94 7.10 -9.12
CA THR B 183 16.43 6.66 -10.42
C THR B 183 15.43 7.06 -11.50
N MET B 184 15.93 7.66 -12.56
CA MET B 184 15.12 8.01 -13.71
C MET B 184 15.90 7.79 -14.99
N SER B 185 15.27 8.09 -16.11
CA SER B 185 15.85 7.84 -17.40
C SER B 185 15.20 8.71 -18.43
N SER B 186 15.87 8.84 -19.56
CA SER B 186 15.38 9.64 -20.65
C SER B 186 15.85 9.03 -21.95
N SER B 187 14.99 9.06 -22.96
CA SER B 187 15.29 8.45 -24.24
C SER B 187 15.22 9.53 -25.31
N VAL B 188 15.94 9.28 -26.40
CA VAL B 188 15.88 10.15 -27.59
C VAL B 188 15.99 9.29 -28.85
N THR B 189 15.17 9.61 -29.84
CA THR B 189 15.14 8.91 -31.11
C THR B 189 15.58 9.84 -32.27
N VAL B 190 16.58 9.39 -33.02
CA VAL B 190 17.14 10.15 -34.14
C VAL B 190 17.17 9.23 -35.35
N PRO B 191 17.19 9.80 -36.56
CA PRO B 191 17.30 8.91 -37.74
C PRO B 191 18.60 8.10 -37.71
N SER B 192 18.56 6.89 -38.26
CA SER B 192 19.74 6.03 -38.25
C SER B 192 20.90 6.59 -39.07
N SER B 193 20.61 7.48 -40.01
CA SER B 193 21.63 8.11 -40.86
C SER B 193 22.31 9.32 -40.20
N THR B 194 21.96 9.62 -38.96
CA THR B 194 22.59 10.72 -38.23
C THR B 194 23.47 10.21 -37.09
N TRP B 195 23.40 8.93 -36.78
CA TRP B 195 24.17 8.37 -35.66
C TRP B 195 24.71 7.00 -36.09
N PRO B 196 25.99 6.70 -35.82
CA PRO B 196 26.96 7.44 -35.00
C PRO B 196 27.71 8.56 -35.69
N SER B 197 27.27 8.94 -36.89
CA SER B 197 27.89 10.03 -37.63
C SER B 197 27.98 11.32 -36.82
N GLU B 198 26.82 11.84 -36.41
CA GLU B 198 26.76 13.05 -35.60
C GLU B 198 26.68 12.73 -34.13
N THR B 199 27.60 13.32 -33.36
CA THR B 199 27.70 13.10 -31.91
C THR B 199 26.38 13.37 -31.20
N VAL B 200 26.06 12.55 -30.21
CA VAL B 200 24.86 12.75 -29.37
C VAL B 200 25.27 12.66 -27.91
N THR B 201 24.94 13.71 -27.15
CA THR B 201 25.32 13.77 -25.74
C THR B 201 24.12 14.21 -24.90
N CYS B 202 23.92 13.57 -23.75
CA CYS B 202 22.89 14.03 -22.79
C CYS B 202 23.50 14.84 -21.64
N SER B 203 22.76 15.86 -21.21
CA SER B 203 23.19 16.76 -20.12
C SER B 203 22.27 16.62 -18.91
N VAL B 204 22.85 16.25 -17.78
CA VAL B 204 22.06 15.97 -16.59
C VAL B 204 22.42 16.95 -15.46
N ALA B 205 21.48 17.86 -15.16
CA ALA B 205 21.64 18.85 -14.10
C ALA B 205 20.86 18.43 -12.85
N HIS B 206 21.52 18.57 -11.69
CA HIS B 206 20.91 18.29 -10.39
C HIS B 206 21.17 19.49 -9.47
N PRO B 207 20.20 20.42 -9.37
CA PRO B 207 20.37 21.68 -8.64
C PRO B 207 20.60 21.52 -7.13
N ALA B 208 19.96 20.53 -6.50
CA ALA B 208 20.15 20.27 -5.05
C ALA B 208 21.61 20.10 -4.70
N SER B 209 22.32 19.41 -5.58
CA SER B 209 23.75 19.12 -5.45
C SER B 209 24.60 20.11 -6.27
N SER B 210 23.92 21.01 -6.98
CA SER B 210 24.51 21.89 -8.02
C SER B 210 25.59 21.23 -8.88
N THR B 211 25.22 20.10 -9.48
CA THR B 211 26.08 19.36 -10.38
C THR B 211 25.51 19.30 -11.79
N THR B 212 26.41 19.20 -12.77
CA THR B 212 26.03 18.95 -14.16
C THR B 212 27.05 18.02 -14.84
N VAL B 213 26.56 16.95 -15.44
CA VAL B 213 27.42 16.03 -16.19
C VAL B 213 26.90 15.84 -17.60
N ASP B 214 27.83 15.58 -18.53
CA ASP B 214 27.51 15.34 -19.93
C ASP B 214 28.06 13.99 -20.35
N LYS B 215 27.18 13.09 -20.76
CA LYS B 215 27.62 11.82 -21.33
C LYS B 215 27.44 11.80 -22.82
N LYS B 216 28.54 11.57 -23.53
CA LYS B 216 28.51 11.36 -24.96
C LYS B 216 28.14 9.90 -25.19
N LEU B 217 27.25 9.65 -26.16
CA LEU B 217 26.82 8.32 -26.50
C LEU B 217 27.73 7.69 -27.55
N GLU B 218 28.23 6.49 -27.25
CA GLU B 218 29.17 5.80 -28.13
C GLU B 218 28.55 4.52 -28.69
N PRO B 219 28.79 4.23 -29.97
CA PRO B 219 28.43 2.93 -30.49
C PRO B 219 29.32 1.86 -29.90
N SER B 220 28.78 0.67 -29.71
CA SER B 220 29.57 -0.48 -29.29
C SER B 220 30.17 -1.17 -30.53
N ASP C 1 20.84 -18.32 -1.92
CA ASP C 1 19.56 -18.89 -1.47
C ASP C 1 18.82 -19.56 -2.61
N ILE C 2 18.21 -20.70 -2.34
CA ILE C 2 17.29 -21.32 -3.29
C ILE C 2 15.92 -20.66 -3.10
N GLN C 3 15.39 -20.05 -4.17
CA GLN C 3 14.07 -19.45 -4.11
C GLN C 3 12.97 -20.51 -4.39
N MET C 4 12.01 -20.62 -3.46
CA MET C 4 10.87 -21.54 -3.57
C MET C 4 9.59 -20.78 -3.89
N THR C 5 8.92 -21.18 -4.97
CA THR C 5 7.73 -20.46 -5.43
C THR C 5 6.51 -21.36 -5.50
N GLN C 6 5.45 -20.95 -4.82
CA GLN C 6 4.13 -21.57 -4.97
C GLN C 6 3.25 -20.60 -5.75
N THR C 7 3.07 -20.85 -7.04
CA THR C 7 2.41 -19.88 -7.94
C THR C 7 0.96 -19.62 -7.54
N THR C 8 0.29 -20.61 -6.97
CA THR C 8 -1.07 -20.45 -6.46
C THR C 8 -1.03 -20.18 -4.94
N SER C 9 -1.58 -19.04 -4.54
CA SER C 9 -1.66 -18.69 -3.12
C SER C 9 -3.02 -19.00 -2.50
N SER C 10 -4.07 -19.06 -3.33
CA SER C 10 -5.43 -19.36 -2.86
C SER C 10 -6.09 -20.51 -3.59
N LEU C 11 -6.79 -21.36 -2.84
CA LEU C 11 -7.43 -22.54 -3.39
C LEU C 11 -8.73 -22.83 -2.65
N SER C 12 -9.78 -23.13 -3.40
CA SER C 12 -11.10 -23.40 -2.83
C SER C 12 -11.65 -24.68 -3.42
N ALA C 13 -12.01 -25.64 -2.57
CA ALA C 13 -12.43 -26.96 -3.03
C ALA C 13 -13.49 -27.58 -2.12
N SER C 14 -14.16 -28.63 -2.59
CA SER C 14 -15.25 -29.25 -1.82
C SER C 14 -14.76 -30.48 -1.05
N LEU C 15 -15.51 -30.83 -0.01
CA LEU C 15 -15.24 -32.05 0.74
C LEU C 15 -15.31 -33.30 -0.15
N GLY C 16 -14.32 -34.17 -0.01
CA GLY C 16 -14.20 -35.34 -0.86
C GLY C 16 -13.30 -35.09 -2.03
N ASP C 17 -13.15 -33.83 -2.44
CA ASP C 17 -12.40 -33.51 -3.64
C ASP C 17 -10.94 -33.84 -3.47
N ARG C 18 -10.26 -33.80 -4.60
CA ARG C 18 -8.81 -33.97 -4.64
C ARG C 18 -8.17 -32.65 -5.08
N VAL C 19 -7.17 -32.21 -4.31
CA VAL C 19 -6.52 -30.94 -4.59
C VAL C 19 -5.04 -31.17 -4.79
N THR C 20 -4.47 -30.42 -5.74
CA THR C 20 -3.05 -30.43 -5.98
C THR C 20 -2.47 -29.05 -5.74
N ILE C 21 -1.41 -28.98 -4.94
CA ILE C 21 -0.70 -27.74 -4.66
C ILE C 21 0.74 -27.86 -5.18
N SER C 22 1.17 -26.90 -5.97
CA SER C 22 2.44 -27.03 -6.64
C SER C 22 3.53 -26.15 -6.04
N CYS C 23 4.77 -26.63 -6.15
CA CYS C 23 5.94 -25.95 -5.62
C CYS C 23 7.06 -26.06 -6.64
N ARG C 24 7.77 -24.95 -6.85
CA ARG C 24 8.88 -24.87 -7.80
C ARG C 24 10.13 -24.27 -7.13
N ALA C 25 11.30 -24.79 -7.47
CA ALA C 25 12.58 -24.34 -6.89
C ALA C 25 13.48 -23.68 -7.94
N SER C 26 14.27 -22.68 -7.51
CA SER C 26 15.11 -21.89 -8.44
C SER C 26 16.26 -22.71 -9.06
N GLN C 27 16.63 -23.80 -8.41
CA GLN C 27 17.54 -24.80 -8.95
C GLN C 27 17.11 -26.20 -8.55
N ASP C 28 17.77 -27.21 -9.13
CA ASP C 28 17.52 -28.63 -8.88
C ASP C 28 17.80 -28.94 -7.43
N ILE C 29 16.86 -29.57 -6.75
CA ILE C 29 17.02 -29.89 -5.35
C ILE C 29 16.90 -31.40 -5.08
N SER C 30 16.96 -32.20 -6.14
CA SER C 30 17.13 -33.64 -6.00
C SER C 30 16.17 -34.28 -5.01
N ASN C 31 14.91 -33.88 -5.03
CA ASN C 31 13.90 -34.53 -4.21
C ASN C 31 13.94 -34.23 -2.71
N TYR C 32 14.90 -33.43 -2.28
CA TYR C 32 14.93 -32.95 -0.91
C TYR C 32 13.91 -31.85 -0.77
N LEU C 33 12.64 -32.26 -0.81
CA LEU C 33 11.54 -31.32 -0.64
C LEU C 33 10.59 -31.81 0.44
N ASN C 34 10.25 -30.94 1.38
CA ASN C 34 9.31 -31.23 2.46
C ASN C 34 8.07 -30.32 2.44
N TRP C 35 6.97 -30.84 2.98
CA TRP C 35 5.68 -30.15 2.98
C TRP C 35 5.16 -30.03 4.41
N TYR C 36 4.59 -28.87 4.71
CA TYR C 36 4.13 -28.54 6.05
C TYR C 36 2.71 -27.98 6.04
N GLN C 37 1.98 -28.21 7.12
CA GLN C 37 0.65 -27.66 7.28
C GLN C 37 0.64 -26.67 8.41
N GLN C 38 0.27 -25.42 8.11
CA GLN C 38 0.08 -24.39 9.14
C GLN C 38 -1.40 -24.09 9.34
N LYS C 39 -1.90 -24.40 10.53
CA LYS C 39 -3.29 -24.14 10.88
C LYS C 39 -3.42 -22.65 11.21
N PRO C 40 -4.65 -22.11 11.12
CA PRO C 40 -4.83 -20.67 11.34
C PRO C 40 -4.37 -20.15 12.68
N ASP C 41 -4.36 -20.99 13.72
CA ASP C 41 -3.79 -20.58 15.02
C ASP C 41 -2.25 -20.51 15.02
N GLY C 42 -1.62 -20.90 13.91
CA GLY C 42 -0.18 -20.83 13.80
C GLY C 42 0.56 -22.13 14.05
N THR C 43 -0.16 -23.18 14.48
CA THR C 43 0.49 -24.46 14.76
C THR C 43 0.99 -25.01 13.44
N VAL C 44 2.20 -25.59 13.46
CA VAL C 44 2.83 -26.10 12.24
C VAL C 44 3.12 -27.60 12.37
N LYS C 45 2.81 -28.35 11.33
CA LYS C 45 2.99 -29.80 11.32
C LYS C 45 3.67 -30.25 10.04
N LEU C 46 4.62 -31.15 10.19
CA LEU C 46 5.27 -31.79 9.05
C LEU C 46 4.35 -32.85 8.45
N LEU C 47 4.16 -32.78 7.13
CA LEU C 47 3.31 -33.73 6.42
C LEU C 47 4.12 -34.80 5.69
N ILE C 48 5.00 -34.35 4.80
CA ILE C 48 5.71 -35.20 3.84
C ILE C 48 7.15 -34.70 3.73
N TYR C 49 8.09 -35.62 3.80
CA TYR C 49 9.51 -35.31 3.60
C TYR C 49 10.06 -36.10 2.41
N TYR C 50 11.09 -35.53 1.79
CA TYR C 50 11.83 -36.13 0.67
C TYR C 50 10.87 -36.45 -0.49
N THR C 51 10.03 -35.47 -0.83
CA THR C 51 9.11 -35.52 -1.97
C THR C 51 7.81 -36.32 -1.69
N SER C 52 7.95 -37.55 -1.26
CA SER C 52 6.79 -38.43 -1.16
C SER C 52 6.68 -39.31 0.10
N ARG C 53 7.60 -39.21 1.05
CA ARG C 53 7.52 -40.03 2.28
C ARG C 53 6.65 -39.38 3.37
N LEU C 54 5.76 -40.15 3.95
CA LEU C 54 4.85 -39.64 4.97
C LEU C 54 5.52 -39.53 6.33
N HIS C 55 5.39 -38.38 6.97
CA HIS C 55 5.79 -38.24 8.36
C HIS C 55 4.85 -39.09 9.22
N SER C 56 5.39 -39.64 10.28
CA SER C 56 4.64 -40.48 11.21
C SER C 56 3.36 -39.77 11.63
N GLY C 57 2.24 -40.49 11.57
CA GLY C 57 0.94 -39.96 11.99
C GLY C 57 0.04 -39.38 10.89
N VAL C 58 0.64 -38.94 9.79
CA VAL C 58 -0.08 -38.24 8.72
C VAL C 58 -0.99 -39.19 7.93
N PRO C 59 -2.26 -38.80 7.73
CA PRO C 59 -3.17 -39.70 6.97
C PRO C 59 -2.72 -39.94 5.51
N SER C 60 -3.04 -41.12 4.99
CA SER C 60 -2.54 -41.58 3.68
C SER C 60 -3.13 -40.84 2.48
N ARG C 61 -4.18 -40.05 2.71
CA ARG C 61 -4.74 -39.20 1.66
C ARG C 61 -3.83 -38.01 1.30
N PHE C 62 -2.79 -37.77 2.10
CA PHE C 62 -1.72 -36.85 1.70
C PHE C 62 -0.65 -37.62 0.94
N SER C 63 -0.21 -37.07 -0.19
CA SER C 63 0.85 -37.68 -0.99
C SER C 63 1.57 -36.61 -1.78
N GLY C 64 2.79 -36.92 -2.20
CA GLY C 64 3.62 -35.95 -2.88
C GLY C 64 4.38 -36.56 -4.04
N SER C 65 4.72 -35.73 -5.02
CA SER C 65 5.46 -36.18 -6.17
C SER C 65 6.32 -35.07 -6.77
N GLY C 66 7.16 -35.42 -7.72
CA GLY C 66 8.05 -34.43 -8.32
C GLY C 66 9.47 -34.87 -8.49
N SER C 67 10.19 -34.10 -9.29
CA SER C 67 11.64 -34.28 -9.47
C SER C 67 12.24 -32.95 -9.92
N GLY C 68 13.56 -32.85 -9.90
CA GLY C 68 14.27 -31.69 -10.40
C GLY C 68 13.87 -30.42 -9.68
N THR C 69 13.16 -29.54 -10.38
CA THR C 69 12.73 -28.29 -9.82
C THR C 69 11.25 -28.27 -9.51
N ASP C 70 10.46 -29.17 -10.07
CA ASP C 70 9.01 -29.11 -9.90
C ASP C 70 8.50 -30.19 -8.94
N TYR C 71 7.65 -29.77 -7.98
CA TYR C 71 7.12 -30.65 -6.97
C TYR C 71 5.65 -30.37 -6.74
N SER C 72 4.90 -31.37 -6.31
CA SER C 72 3.47 -31.19 -6.00
C SER C 72 3.01 -31.95 -4.75
N LEU C 73 2.14 -31.34 -3.96
CA LEU C 73 1.42 -31.99 -2.85
C LEU C 73 0.00 -32.28 -3.32
N THR C 74 -0.43 -33.51 -3.12
CA THR C 74 -1.80 -33.91 -3.44
C THR C 74 -2.56 -34.36 -2.17
N ILE C 75 -3.68 -33.68 -1.90
CA ILE C 75 -4.57 -34.00 -0.80
C ILE C 75 -5.84 -34.49 -1.45
N SER C 76 -6.17 -35.75 -1.23
CA SER C 76 -7.38 -36.32 -1.80
C SER C 76 -8.39 -36.56 -0.71
N ASN C 77 -9.64 -36.87 -1.10
CA ASN C 77 -10.71 -37.12 -0.14
C ASN C 77 -10.63 -36.03 0.93
N LEU C 78 -10.76 -34.80 0.45
CA LEU C 78 -10.51 -33.57 1.23
C LEU C 78 -11.43 -33.46 2.44
N ASP C 79 -10.84 -33.08 3.58
CA ASP C 79 -11.50 -33.14 4.88
C ASP C 79 -11.71 -31.74 5.46
N GLN C 80 -12.74 -31.60 6.28
CA GLN C 80 -13.10 -30.34 6.96
C GLN C 80 -11.94 -29.80 7.80
N ASP C 81 -11.13 -30.73 8.33
CA ASP C 81 -9.95 -30.41 9.16
C ASP C 81 -8.79 -29.82 8.33
N ASP C 82 -8.83 -29.96 7.02
CA ASP C 82 -7.71 -29.53 6.16
C ASP C 82 -7.69 -28.03 5.80
N ILE C 83 -8.63 -27.25 6.32
CA ILE C 83 -8.58 -25.79 6.23
C ILE C 83 -7.24 -25.37 6.84
N ALA C 84 -6.31 -24.95 5.99
CA ALA C 84 -4.96 -24.63 6.42
C ALA C 84 -4.18 -23.96 5.32
N THR C 85 -2.95 -23.54 5.66
CA THR C 85 -2.01 -23.06 4.66
C THR C 85 -0.88 -24.08 4.49
N TYR C 86 -0.55 -24.40 3.24
CA TYR C 86 0.40 -25.47 2.94
C TYR C 86 1.63 -24.92 2.27
N PHE C 87 2.78 -25.18 2.92
CA PHE C 87 4.11 -24.61 2.64
C PHE C 87 5.05 -25.71 2.19
N CYS C 88 5.90 -25.43 1.21
CA CYS C 88 6.97 -26.36 0.86
C CYS C 88 8.31 -25.87 1.37
N GLN C 89 9.32 -26.73 1.39
CA GLN C 89 10.64 -26.34 1.89
C GLN C 89 11.77 -27.19 1.31
N GLN C 90 12.78 -26.54 0.74
CA GLN C 90 13.94 -27.28 0.24
C GLN C 90 14.89 -27.62 1.39
N GLY C 91 15.30 -28.89 1.43
CA GLY C 91 16.16 -29.41 2.48
C GLY C 91 17.55 -29.76 2.01
N THR C 92 17.98 -29.14 0.91
CA THR C 92 19.27 -29.51 0.34
C THR C 92 20.43 -28.62 0.74
N THR C 93 20.19 -27.37 1.10
CA THR C 93 21.28 -26.44 1.42
C THR C 93 20.83 -25.33 2.37
N LEU C 94 21.80 -24.72 3.03
CA LEU C 94 21.55 -23.61 3.97
C LEU C 94 21.60 -22.26 3.24
N PRO C 95 20.72 -21.32 3.60
CA PRO C 95 19.61 -21.45 4.54
C PRO C 95 18.49 -22.34 4.02
N PRO C 96 17.83 -23.09 4.90
CA PRO C 96 16.61 -23.76 4.49
C PRO C 96 15.60 -22.72 4.02
N THR C 97 14.96 -22.92 2.87
CA THR C 97 13.98 -21.91 2.37
C THR C 97 12.57 -22.46 2.09
N PHE C 98 11.59 -21.59 2.31
CA PHE C 98 10.21 -22.01 2.26
C PHE C 98 9.45 -21.28 1.18
N GLY C 99 8.42 -21.96 0.69
CA GLY C 99 7.49 -21.33 -0.25
C GLY C 99 6.58 -20.37 0.49
N GLY C 100 5.90 -19.51 -0.28
CA GLY C 100 4.99 -18.52 0.26
C GLY C 100 3.68 -19.08 0.77
N GLY C 101 3.44 -20.35 0.49
CA GLY C 101 2.24 -21.05 0.93
C GLY C 101 1.03 -20.91 0.04
N THR C 102 0.16 -21.93 0.11
CA THR C 102 -1.14 -21.92 -0.56
C THR C 102 -2.22 -22.13 0.48
N LYS C 103 -3.14 -21.16 0.58
CA LYS C 103 -4.28 -21.22 1.49
C LYS C 103 -5.39 -22.04 0.89
N LEU C 104 -5.98 -22.89 1.71
CA LEU C 104 -7.05 -23.79 1.29
C LEU C 104 -8.35 -23.49 2.03
N GLU C 105 -9.38 -23.18 1.25
CA GLU C 105 -10.72 -22.95 1.75
C GLU C 105 -11.58 -24.16 1.40
N ILE C 106 -12.40 -24.62 2.34
CA ILE C 106 -13.39 -25.68 2.07
C ILE C 106 -14.71 -25.08 1.64
N LYS C 107 -15.20 -25.46 0.47
CA LYS C 107 -16.47 -24.95 -0.03
C LYS C 107 -17.61 -25.42 0.88
N ARG C 108 -18.75 -24.78 0.72
CA ARG C 108 -19.87 -24.93 1.62
C ARG C 108 -21.08 -24.36 0.90
N ALA C 109 -22.29 -24.69 1.35
CA ALA C 109 -23.49 -24.09 0.78
C ALA C 109 -23.55 -22.59 1.06
N ASP C 110 -24.07 -21.83 0.11
CA ASP C 110 -24.24 -20.39 0.29
C ASP C 110 -25.13 -20.12 1.49
N ALA C 111 -24.73 -19.14 2.28
CA ALA C 111 -25.47 -18.75 3.47
C ALA C 111 -25.49 -17.23 3.57
N ALA C 112 -26.66 -16.69 3.90
CA ALA C 112 -26.82 -15.24 4.08
C ALA C 112 -26.41 -14.82 5.50
N PRO C 113 -25.81 -13.61 5.65
CA PRO C 113 -25.29 -13.15 6.94
C PRO C 113 -26.38 -12.74 7.94
N THR C 114 -26.24 -13.11 9.21
CA THR C 114 -27.15 -12.58 10.23
C THR C 114 -26.59 -11.26 10.77
N VAL C 115 -27.26 -10.16 10.40
CA VAL C 115 -26.79 -8.80 10.59
C VAL C 115 -27.39 -8.15 11.83
N SER C 116 -26.53 -7.47 12.59
CA SER C 116 -26.92 -6.78 13.82
C SER C 116 -26.20 -5.44 13.90
N ILE C 117 -26.89 -4.42 14.40
CA ILE C 117 -26.31 -3.08 14.59
C ILE C 117 -26.43 -2.65 16.06
N PHE C 118 -25.42 -1.91 16.55
CA PHE C 118 -25.41 -1.43 17.93
C PHE C 118 -25.01 0.04 17.99
N PRO C 119 -25.73 0.83 18.78
CA PRO C 119 -25.36 2.22 18.93
C PRO C 119 -24.17 2.36 19.88
N PRO C 120 -23.62 3.57 19.97
CA PRO C 120 -22.59 3.86 20.97
C PRO C 120 -23.10 3.58 22.38
N SER C 121 -22.21 3.14 23.25
CA SER C 121 -22.60 2.83 24.63
C SER C 121 -22.68 4.09 25.46
N SER C 122 -23.39 3.96 26.56
CA SER C 122 -23.47 4.98 27.60
C SER C 122 -22.07 5.49 27.96
N GLU C 123 -21.21 4.56 28.34
CA GLU C 123 -19.86 4.86 28.82
C GLU C 123 -19.00 5.54 27.76
N GLN C 124 -19.04 5.01 26.52
CA GLN C 124 -18.18 5.56 25.47
C GLN C 124 -18.52 7.01 25.23
N LEU C 125 -19.82 7.31 25.17
CA LEU C 125 -20.25 8.66 24.92
C LEU C 125 -19.72 9.64 25.99
N THR C 126 -19.72 9.23 27.25
CA THR C 126 -19.14 10.08 28.29
C THR C 126 -17.67 10.40 27.98
N SER C 127 -16.93 9.42 27.49
CA SER C 127 -15.53 9.63 27.06
C SER C 127 -15.35 10.59 25.88
N GLY C 128 -16.43 10.94 25.17
CA GLY C 128 -16.34 11.83 23.99
C GLY C 128 -16.17 11.13 22.66
N GLY C 129 -16.13 9.80 22.68
CA GLY C 129 -16.08 8.99 21.47
C GLY C 129 -17.46 8.45 21.12
N ALA C 130 -17.60 7.92 19.91
CA ALA C 130 -18.86 7.32 19.48
C ALA C 130 -18.61 6.32 18.35
N SER C 131 -18.67 5.03 18.68
CA SER C 131 -18.48 3.98 17.70
C SER C 131 -19.81 3.25 17.47
N VAL C 132 -20.29 3.28 16.23
CA VAL C 132 -21.40 2.44 15.80
C VAL C 132 -20.84 1.15 15.21
N VAL C 133 -21.49 0.03 15.51
CA VAL C 133 -20.92 -1.27 15.14
C VAL C 133 -21.94 -2.14 14.47
N CYS C 134 -21.44 -2.97 13.55
CA CYS C 134 -22.25 -3.90 12.82
C CYS C 134 -21.56 -5.26 12.72
N PHE C 135 -22.30 -6.29 13.11
CA PHE C 135 -21.88 -7.65 12.93
C PHE C 135 -22.65 -8.25 11.77
N LEU C 136 -21.91 -8.90 10.87
CA LEU C 136 -22.48 -9.69 9.80
C LEU C 136 -21.94 -11.09 10.04
N ASN C 137 -22.74 -11.93 10.71
CA ASN C 137 -22.27 -13.25 11.16
C ASN C 137 -22.69 -14.46 10.30
N ASN C 138 -21.78 -15.43 10.21
CA ASN C 138 -22.06 -16.75 9.65
C ASN C 138 -22.56 -16.77 8.22
N PHE C 139 -21.76 -16.18 7.31
CA PHE C 139 -22.08 -16.21 5.89
C PHE C 139 -21.06 -16.96 5.05
N TYR C 140 -21.49 -17.36 3.87
CA TYR C 140 -20.64 -17.91 2.82
C TYR C 140 -21.27 -17.54 1.46
N PRO C 141 -20.46 -17.19 0.44
CA PRO C 141 -19.01 -17.04 0.43
C PRO C 141 -18.52 -15.79 1.12
N LYS C 142 -17.20 -15.75 1.35
CA LYS C 142 -16.51 -14.66 2.03
C LYS C 142 -16.79 -13.27 1.46
N ASP C 143 -16.84 -13.15 0.15
CA ASP C 143 -16.99 -11.84 -0.49
C ASP C 143 -18.30 -11.18 -0.09
N ILE C 144 -18.22 -9.94 0.40
CA ILE C 144 -19.38 -9.22 0.94
C ILE C 144 -19.05 -7.73 1.07
N ASN C 145 -20.05 -6.88 0.94
CA ASN C 145 -19.87 -5.42 1.06
C ASN C 145 -20.78 -4.79 2.08
N VAL C 146 -20.22 -3.87 2.86
CA VAL C 146 -20.99 -3.16 3.87
C VAL C 146 -20.97 -1.66 3.59
N LYS C 147 -22.14 -1.06 3.64
CA LYS C 147 -22.30 0.37 3.41
C LYS C 147 -22.95 1.01 4.63
N TRP C 148 -22.30 2.02 5.19
CA TRP C 148 -22.87 2.85 6.23
C TRP C 148 -23.50 4.09 5.63
N LYS C 149 -24.67 4.45 6.15
CA LYS C 149 -25.36 5.67 5.78
C LYS C 149 -25.74 6.42 7.06
N ILE C 150 -25.34 7.68 7.11
CA ILE C 150 -25.66 8.56 8.24
C ILE C 150 -26.63 9.59 7.74
N ASP C 151 -27.85 9.55 8.29
CA ASP C 151 -28.97 10.33 7.77
C ASP C 151 -29.12 10.14 6.26
N GLY C 152 -29.03 8.90 5.80
CA GLY C 152 -29.15 8.55 4.40
C GLY C 152 -27.90 8.75 3.53
N SER C 153 -26.94 9.53 4.01
CA SER C 153 -25.76 9.87 3.20
C SER C 153 -24.64 8.88 3.45
N GLU C 154 -24.08 8.34 2.38
CA GLU C 154 -23.07 7.28 2.48
C GLU C 154 -21.79 7.74 3.18
N ARG C 155 -21.21 6.87 3.98
CA ARG C 155 -19.99 7.15 4.72
C ARG C 155 -18.87 6.15 4.40
N GLN C 156 -17.81 6.64 3.78
CA GLN C 156 -16.67 5.78 3.42
C GLN C 156 -15.51 5.91 4.42
N ASN C 157 -15.34 7.12 4.97
CA ASN C 157 -14.22 7.44 5.86
C ASN C 157 -14.52 7.06 7.31
N GLY C 158 -13.52 6.54 8.01
CA GLY C 158 -13.65 6.18 9.42
C GLY C 158 -14.37 4.86 9.69
N VAL C 159 -14.19 3.90 8.78
CA VAL C 159 -14.86 2.59 8.84
C VAL C 159 -13.81 1.51 8.89
N LEU C 160 -13.93 0.59 9.84
CA LEU C 160 -12.99 -0.52 9.99
C LEU C 160 -13.72 -1.84 9.80
N ASN C 161 -13.19 -2.69 8.92
CA ASN C 161 -13.76 -4.02 8.67
C ASN C 161 -12.80 -5.13 9.10
N SER C 162 -13.35 -6.20 9.64
CA SER C 162 -12.49 -7.28 10.13
C SER C 162 -13.12 -8.64 9.96
N TRP C 163 -12.57 -9.44 9.04
CA TRP C 163 -13.07 -10.79 8.76
C TRP C 163 -12.45 -11.80 9.68
N THR C 164 -13.24 -12.77 10.11
CA THR C 164 -12.68 -13.92 10.82
C THR C 164 -12.09 -14.90 9.83
N ASP C 165 -11.34 -15.85 10.35
CA ASP C 165 -10.90 -16.97 9.55
C ASP C 165 -12.12 -17.81 9.25
N GLN C 166 -12.04 -18.59 8.17
CA GLN C 166 -13.10 -19.52 7.87
C GLN C 166 -13.32 -20.41 9.09
N ASP C 167 -14.56 -20.52 9.55
CA ASP C 167 -14.87 -21.34 10.71
C ASP C 167 -14.45 -22.80 10.48
N SER C 168 -13.62 -23.31 11.38
CA SER C 168 -13.04 -24.64 11.25
C SER C 168 -14.04 -25.78 11.28
N LYS C 169 -15.25 -25.54 11.78
CA LYS C 169 -16.24 -26.61 11.90
C LYS C 169 -17.34 -26.54 10.84
N ASP C 170 -17.85 -25.33 10.56
CA ASP C 170 -18.99 -25.14 9.64
C ASP C 170 -18.65 -24.43 8.33
N SER C 171 -17.42 -23.94 8.21
CA SER C 171 -16.94 -23.32 6.95
C SER C 171 -17.52 -21.92 6.67
N THR C 172 -18.23 -21.32 7.63
CA THR C 172 -18.74 -19.96 7.43
C THR C 172 -17.66 -18.87 7.69
N TYR C 173 -17.94 -17.66 7.21
CA TYR C 173 -17.20 -16.46 7.57
C TYR C 173 -18.09 -15.49 8.36
N SER C 174 -17.45 -14.69 9.20
CA SER C 174 -18.10 -13.60 9.92
C SER C 174 -17.27 -12.32 9.82
N MET C 175 -17.93 -11.19 9.93
CA MET C 175 -17.27 -9.91 9.75
C MET C 175 -17.85 -8.84 10.70
N SER C 176 -17.00 -7.98 11.24
CA SER C 176 -17.49 -6.82 11.96
C SER C 176 -17.13 -5.53 11.20
N SER C 177 -18.06 -4.59 11.13
CA SER C 177 -17.82 -3.26 10.55
C SER C 177 -18.02 -2.19 11.62
N THR C 178 -17.11 -1.23 11.70
CA THR C 178 -17.10 -0.28 12.81
C THR C 178 -16.89 1.15 12.25
N LEU C 179 -17.90 2.00 12.47
CA LEU C 179 -17.85 3.40 12.09
C LEU C 179 -17.52 4.25 13.32
N THR C 180 -16.39 4.96 13.28
CA THR C 180 -16.00 5.79 14.42
C THR C 180 -16.01 7.26 14.05
N LEU C 181 -16.86 8.02 14.75
CA LEU C 181 -16.90 9.49 14.64
C LEU C 181 -16.83 10.08 16.04
N THR C 182 -16.80 11.41 16.14
CA THR C 182 -16.80 12.10 17.44
C THR C 182 -18.21 12.13 18.03
N LYS C 183 -18.29 12.29 19.34
CA LYS C 183 -19.58 12.45 20.04
C LYS C 183 -20.43 13.55 19.39
N ASP C 184 -19.81 14.67 19.03
CA ASP C 184 -20.54 15.82 18.50
C ASP C 184 -21.07 15.54 17.07
N GLU C 185 -20.23 14.97 16.22
CA GLU C 185 -20.67 14.45 14.93
C GLU C 185 -21.84 13.48 15.12
N TYR C 186 -21.68 12.53 16.03
CA TYR C 186 -22.70 11.52 16.27
C TYR C 186 -24.03 12.16 16.64
N GLU C 187 -23.96 13.18 17.48
CA GLU C 187 -25.17 13.78 18.03
C GLU C 187 -25.75 14.81 17.09
N ARG C 188 -25.12 15.06 15.94
CA ARG C 188 -25.71 15.95 14.93
C ARG C 188 -26.67 15.28 13.94
N HIS C 189 -26.88 13.98 14.04
CA HIS C 189 -27.65 13.25 13.02
C HIS C 189 -28.61 12.23 13.65
N ASN C 190 -29.71 11.95 12.98
CA ASN C 190 -30.73 11.06 13.56
C ASN C 190 -30.52 9.56 13.29
N SER C 191 -30.30 9.17 12.03
CA SER C 191 -30.39 7.74 11.67
C SER C 191 -29.09 7.18 11.18
N TYR C 192 -28.85 5.94 11.57
CA TYR C 192 -27.61 5.27 11.28
C TYR C 192 -27.91 3.91 10.68
N THR C 193 -27.44 3.66 9.47
CA THR C 193 -27.77 2.43 8.75
C THR C 193 -26.57 1.60 8.34
N CYS C 194 -26.80 0.30 8.35
CA CYS C 194 -25.79 -0.68 8.05
C CYS C 194 -26.39 -1.55 6.96
N GLU C 195 -25.80 -1.54 5.76
CA GLU C 195 -26.37 -2.25 4.61
C GLU C 195 -25.43 -3.33 4.11
N ALA C 196 -25.86 -4.59 4.17
CA ALA C 196 -25.03 -5.72 3.73
C ALA C 196 -25.47 -6.14 2.33
N THR C 197 -24.51 -6.17 1.41
CA THR C 197 -24.76 -6.69 0.06
C THR C 197 -23.95 -7.99 -0.14
N HIS C 198 -24.66 -9.08 -0.41
CA HIS C 198 -24.08 -10.42 -0.49
C HIS C 198 -24.76 -11.24 -1.59
N LYS C 199 -24.01 -12.19 -2.15
CA LYS C 199 -24.49 -13.08 -3.23
C LYS C 199 -25.85 -13.72 -2.95
N THR C 200 -26.15 -13.98 -1.68
CA THR C 200 -27.34 -14.71 -1.27
C THR C 200 -28.65 -13.94 -1.51
N SER C 201 -28.57 -12.63 -1.77
CA SER C 201 -29.76 -11.79 -1.94
C SER C 201 -29.60 -10.68 -3.00
N THR C 202 -30.66 -10.45 -3.76
CA THR C 202 -30.67 -9.43 -4.81
C THR C 202 -30.70 -8.01 -4.23
N SER C 203 -31.40 -7.84 -3.11
CA SER C 203 -31.41 -6.55 -2.42
C SER C 203 -30.67 -6.65 -1.09
N PRO C 204 -30.05 -5.54 -0.67
CA PRO C 204 -29.21 -5.60 0.51
C PRO C 204 -30.02 -5.93 1.74
N ILE C 205 -29.34 -6.36 2.80
CA ILE C 205 -29.97 -6.54 4.09
C ILE C 205 -29.70 -5.26 4.89
N VAL C 206 -30.77 -4.60 5.34
CA VAL C 206 -30.67 -3.31 6.00
C VAL C 206 -31.04 -3.40 7.47
N LYS C 207 -30.14 -2.91 8.33
CA LYS C 207 -30.47 -2.70 9.76
C LYS C 207 -30.07 -1.26 10.16
N SER C 208 -30.92 -0.62 10.96
CA SER C 208 -30.62 0.72 11.47
C SER C 208 -31.35 1.03 12.76
N PHE C 209 -30.91 2.11 13.40
CA PHE C 209 -31.59 2.68 14.53
C PHE C 209 -31.68 4.18 14.35
N ASN C 210 -32.64 4.79 15.04
CA ASN C 210 -32.79 6.23 15.05
C ASN C 210 -32.54 6.73 16.46
N ARG C 211 -31.79 7.81 16.61
CA ARG C 211 -31.47 8.35 17.93
C ARG C 211 -32.68 8.93 18.62
N ASN C 212 -33.60 9.51 17.85
CA ASN C 212 -34.84 10.08 18.42
C ASN C 212 -35.87 9.06 18.93
N GLU C 213 -35.46 7.80 19.13
CA GLU C 213 -36.34 6.75 19.65
C GLU C 213 -35.85 6.20 20.99
N GLU D 1 5.99 -36.97 21.94
CA GLU D 1 6.05 -36.32 23.29
C GLU D 1 7.20 -35.28 23.37
N VAL D 2 7.91 -35.09 22.26
CA VAL D 2 8.84 -33.95 22.16
C VAL D 2 8.00 -32.65 22.12
N GLN D 3 8.40 -31.65 22.90
CA GLN D 3 7.71 -30.36 22.91
C GLN D 3 8.70 -29.22 23.05
N LEU D 4 8.43 -28.17 22.28
CA LEU D 4 9.20 -26.94 22.32
C LEU D 4 8.22 -25.80 22.59
N GLN D 5 8.63 -24.83 23.39
CA GLN D 5 7.84 -23.60 23.54
C GLN D 5 8.72 -22.38 23.78
N GLU D 6 8.42 -21.36 22.99
CA GLU D 6 9.18 -20.14 23.04
C GLU D 6 8.55 -19.15 24.03
N SER D 7 9.41 -18.35 24.66
CA SER D 7 8.96 -17.33 25.59
C SER D 7 9.92 -16.16 25.50
N GLY D 8 9.52 -15.04 26.07
CA GLY D 8 10.29 -13.81 25.99
C GLY D 8 9.37 -12.65 25.75
N PRO D 9 9.89 -11.42 25.88
CA PRO D 9 9.01 -10.25 25.82
C PRO D 9 8.34 -10.09 24.46
N GLY D 10 7.08 -9.67 24.49
CA GLY D 10 6.29 -9.47 23.29
C GLY D 10 6.45 -8.09 22.70
N LEU D 11 7.11 -7.19 23.43
CA LEU D 11 7.31 -5.79 22.96
C LEU D 11 8.74 -5.31 23.20
N VAL D 12 9.42 -4.91 22.13
CA VAL D 12 10.80 -4.41 22.23
C VAL D 12 10.91 -3.07 21.53
N LYS D 13 11.71 -2.17 22.09
CA LYS D 13 11.90 -0.84 21.49
C LYS D 13 12.94 -0.88 20.37
N PRO D 14 12.74 -0.08 19.30
CA PRO D 14 13.69 0.03 18.21
C PRO D 14 15.11 0.26 18.71
N SER D 15 16.07 -0.40 18.07
CA SER D 15 17.49 -0.24 18.38
C SER D 15 17.97 -1.12 19.55
N GLN D 16 17.05 -1.71 20.30
CA GLN D 16 17.44 -2.62 21.37
C GLN D 16 17.52 -4.07 20.82
N SER D 17 17.90 -5.00 21.70
CA SER D 17 17.98 -6.38 21.28
C SER D 17 16.74 -7.13 21.73
N LEU D 18 16.33 -8.07 20.87
CA LEU D 18 15.21 -8.98 21.10
C LEU D 18 15.78 -10.26 21.66
N SER D 19 15.21 -10.77 22.73
CA SER D 19 15.69 -12.02 23.37
C SER D 19 14.57 -13.01 23.56
N LEU D 20 14.80 -14.25 23.18
CA LEU D 20 13.79 -15.30 23.34
C LEU D 20 14.40 -16.61 23.83
N THR D 21 13.60 -17.39 24.53
CA THR D 21 14.04 -18.70 25.00
C THR D 21 13.14 -19.72 24.38
N CYS D 22 13.69 -20.88 24.08
CA CYS D 22 12.91 -22.06 23.70
C CYS D 22 13.20 -23.15 24.74
N THR D 23 12.15 -23.63 25.40
CA THR D 23 12.27 -24.67 26.41
C THR D 23 11.92 -25.99 25.76
N VAL D 24 12.82 -26.97 25.84
CA VAL D 24 12.59 -28.28 25.22
C VAL D 24 12.27 -29.29 26.29
N THR D 25 11.25 -30.11 26.07
CA THR D 25 10.93 -31.18 27.00
C THR D 25 10.74 -32.48 26.22
N GLY D 26 10.92 -33.61 26.91
CA GLY D 26 10.72 -34.96 26.35
C GLY D 26 11.83 -35.46 25.46
N TYR D 27 12.83 -34.60 25.22
CA TYR D 27 13.99 -34.94 24.42
C TYR D 27 15.17 -34.05 24.84
N SER D 28 16.38 -34.56 24.74
CA SER D 28 17.52 -33.78 25.21
C SER D 28 18.21 -33.09 24.05
N ILE D 29 18.54 -31.81 24.20
CA ILE D 29 19.08 -31.04 23.07
C ILE D 29 20.53 -31.40 22.75
N THR D 30 21.11 -32.27 23.57
CA THR D 30 22.46 -32.80 23.38
C THR D 30 22.51 -34.15 22.65
N SER D 31 21.39 -34.84 22.53
CA SER D 31 21.38 -36.22 21.99
C SER D 31 21.56 -36.32 20.50
N ASP D 32 20.84 -35.47 19.76
CA ASP D 32 20.89 -35.47 18.30
C ASP D 32 20.12 -34.25 17.81
N TYR D 33 20.13 -34.03 16.50
CA TYR D 33 19.33 -32.98 15.88
C TYR D 33 19.92 -31.58 15.98
N ALA D 34 19.28 -30.67 15.25
CA ALA D 34 19.63 -29.28 15.21
C ALA D 34 18.46 -28.52 15.81
N TRP D 35 18.75 -27.37 16.40
CA TRP D 35 17.76 -26.66 17.16
C TRP D 35 17.68 -25.26 16.58
N ASN D 36 16.52 -24.97 15.96
CA ASN D 36 16.40 -23.85 15.02
C ASN D 36 15.57 -22.65 15.52
N TRP D 37 15.94 -21.46 15.09
CA TRP D 37 15.08 -20.31 15.23
C TRP D 37 14.59 -19.89 13.84
N LEU D 38 13.29 -19.66 13.72
CA LEU D 38 12.66 -19.15 12.50
C LEU D 38 11.68 -18.01 12.82
N ARG D 39 11.30 -17.26 11.79
CA ARG D 39 10.34 -16.19 11.96
C ARG D 39 9.51 -15.96 10.72
N GLN D 40 8.28 -15.51 10.95
CA GLN D 40 7.30 -15.32 9.90
C GLN D 40 6.82 -13.90 9.99
N LEU D 41 7.14 -13.11 8.97
CA LEU D 41 6.78 -11.70 8.99
C LEU D 41 5.37 -11.52 8.44
N PRO D 42 4.79 -10.32 8.65
CA PRO D 42 3.59 -9.87 7.97
C PRO D 42 3.58 -10.20 6.45
N GLY D 43 2.58 -10.97 6.03
CA GLY D 43 2.49 -11.43 4.66
C GLY D 43 2.80 -12.92 4.54
N ASN D 44 3.00 -13.57 5.70
CA ASN D 44 3.16 -15.04 5.78
C ASN D 44 4.44 -15.65 5.18
N LYS D 45 5.44 -14.80 4.96
CA LYS D 45 6.71 -15.19 4.32
C LYS D 45 7.70 -15.74 5.39
N LEU D 46 7.90 -17.06 5.37
CA LEU D 46 8.61 -17.75 6.46
C LEU D 46 10.14 -17.73 6.26
N GLU D 47 10.89 -17.43 7.32
CA GLU D 47 12.34 -17.20 7.21
C GLU D 47 13.13 -17.94 8.29
N TRP D 48 14.08 -18.78 7.88
CA TRP D 48 14.99 -19.44 8.81
C TRP D 48 16.04 -18.46 9.30
N MET D 49 16.28 -18.46 10.61
CA MET D 49 17.23 -17.54 11.23
C MET D 49 18.58 -18.20 11.52
N GLY D 50 18.55 -19.39 12.09
CA GLY D 50 19.78 -20.07 12.48
C GLY D 50 19.52 -21.35 13.27
N TYR D 51 20.58 -22.11 13.55
CA TYR D 51 20.50 -23.21 14.49
C TYR D 51 21.69 -23.34 15.39
N ILE D 52 21.47 -24.11 16.45
CA ILE D 52 22.56 -24.72 17.24
C ILE D 52 22.37 -26.24 17.20
N SER D 53 23.36 -26.95 16.70
CA SER D 53 23.31 -28.39 16.65
C SER D 53 23.42 -28.97 18.05
N TYR D 54 23.16 -30.27 18.16
CA TYR D 54 23.32 -31.01 19.42
C TYR D 54 24.79 -31.03 19.89
N SER D 55 25.72 -30.72 18.97
CA SER D 55 27.15 -30.71 19.31
C SER D 55 27.68 -29.31 19.54
N GLY D 56 26.79 -28.33 19.50
CA GLY D 56 27.17 -26.94 19.73
C GLY D 56 27.56 -26.16 18.49
N ARG D 57 27.45 -26.77 17.33
CA ARG D 57 27.76 -26.07 16.08
C ARG D 57 26.65 -25.12 15.71
N ILE D 58 26.99 -23.96 15.17
CA ILE D 58 26.03 -22.89 14.92
C ILE D 58 26.11 -22.37 13.49
N ARG D 59 24.95 -22.07 12.92
CA ARG D 59 24.89 -21.49 11.58
C ARG D 59 23.79 -20.46 11.52
N TYR D 60 23.95 -19.47 10.65
CA TYR D 60 23.02 -18.38 10.57
C TYR D 60 22.66 -18.05 9.15
N ASN D 61 21.44 -17.57 8.96
CA ASN D 61 21.03 -16.99 7.70
C ASN D 61 21.90 -15.79 7.43
N PRO D 62 22.50 -15.74 6.23
CA PRO D 62 23.40 -14.65 5.88
C PRO D 62 22.78 -13.24 5.99
N SER D 63 21.47 -13.14 5.83
CA SER D 63 20.78 -11.85 5.94
C SER D 63 20.75 -11.32 7.37
N LEU D 64 21.11 -12.15 8.34
CA LEU D 64 20.98 -11.81 9.75
C LEU D 64 22.25 -12.03 10.55
N LYS D 65 23.30 -12.60 9.93
CA LYS D 65 24.50 -13.01 10.67
C LYS D 65 25.17 -11.85 11.42
N ARG D 66 25.08 -10.66 10.85
CA ARG D 66 25.63 -9.47 11.46
C ARG D 66 24.99 -9.14 12.83
N ARG D 67 23.74 -9.53 13.05
CA ARG D 67 22.98 -9.08 14.23
C ARG D 67 22.51 -10.20 15.17
N ILE D 68 22.78 -11.45 14.83
CA ILE D 68 22.14 -12.57 15.50
C ILE D 68 23.14 -13.37 16.31
N SER D 69 22.64 -13.98 17.38
CA SER D 69 23.44 -14.87 18.22
C SER D 69 22.54 -15.94 18.84
N ILE D 70 22.86 -17.21 18.60
CA ILE D 70 22.14 -18.34 19.23
C ILE D 70 23.06 -19.06 20.21
N THR D 71 22.55 -19.30 21.41
CA THR D 71 23.31 -19.93 22.49
C THR D 71 22.46 -21.05 23.06
N ARG D 72 23.01 -21.85 23.97
CA ARG D 72 22.26 -22.97 24.55
C ARG D 72 22.58 -23.06 26.04
N ASP D 73 21.70 -23.68 26.81
CA ASP D 73 22.03 -23.99 28.20
C ASP D 73 21.57 -25.41 28.39
N THR D 74 22.54 -26.31 28.41
CA THR D 74 22.26 -27.74 28.35
C THR D 74 21.80 -28.22 29.73
N SER D 75 22.09 -27.40 30.73
CA SER D 75 21.70 -27.63 32.11
C SER D 75 20.19 -27.53 32.30
N LYS D 76 19.59 -26.57 31.59
CA LYS D 76 18.16 -26.30 31.62
C LYS D 76 17.44 -26.86 30.41
N ASN D 77 18.20 -27.43 29.47
CA ASN D 77 17.69 -27.98 28.21
C ASN D 77 16.92 -26.90 27.46
N GLN D 78 17.59 -25.76 27.30
CA GLN D 78 17.02 -24.59 26.68
C GLN D 78 18.01 -24.06 25.64
N PHE D 79 17.48 -23.46 24.57
CA PHE D 79 18.34 -22.69 23.67
C PHE D 79 17.77 -21.31 23.45
N PHE D 80 18.64 -20.36 23.08
CA PHE D 80 18.30 -18.94 23.13
C PHE D 80 18.60 -18.20 21.86
N LEU D 81 17.83 -17.15 21.61
CA LEU D 81 18.00 -16.26 20.45
C LEU D 81 18.20 -14.85 20.95
N GLN D 82 19.26 -14.19 20.47
CA GLN D 82 19.39 -12.77 20.65
C GLN D 82 19.56 -12.14 19.25
N LEU D 83 18.75 -11.13 18.96
CA LEU D 83 18.81 -10.39 17.70
C LEU D 83 18.98 -8.91 18.02
N ASN D 84 20.07 -8.30 17.58
CA ASN D 84 20.44 -6.94 17.97
C ASN D 84 19.95 -5.85 17.03
N SER D 85 19.92 -4.62 17.54
CA SER D 85 19.56 -3.43 16.73
C SER D 85 18.24 -3.58 15.99
N VAL D 86 17.18 -4.01 16.67
CA VAL D 86 15.92 -4.33 15.98
C VAL D 86 15.23 -3.08 15.47
N THR D 87 14.49 -3.23 14.38
CA THR D 87 13.64 -2.16 13.83
C THR D 87 12.26 -2.76 13.61
N THR D 88 11.33 -1.95 13.10
CA THR D 88 9.95 -2.39 12.86
C THR D 88 9.90 -3.60 11.92
N GLU D 89 10.83 -3.66 10.98
CA GLU D 89 10.98 -4.83 10.08
C GLU D 89 11.17 -6.16 10.82
N ASP D 90 11.56 -6.12 12.10
CA ASP D 90 11.77 -7.34 12.87
C ASP D 90 10.54 -7.75 13.65
N THR D 91 9.44 -7.01 13.46
CA THR D 91 8.14 -7.41 13.98
C THR D 91 7.68 -8.68 13.26
N ALA D 92 7.47 -9.76 14.01
CA ALA D 92 7.10 -11.04 13.42
C ALA D 92 6.61 -12.03 14.47
N THR D 93 6.14 -13.19 14.01
CA THR D 93 5.91 -14.34 14.86
C THR D 93 7.21 -15.17 14.85
N TYR D 94 7.75 -15.45 16.04
CA TYR D 94 9.00 -16.17 16.17
C TYR D 94 8.76 -17.61 16.60
N TYR D 95 9.42 -18.53 15.90
CA TYR D 95 9.26 -19.97 16.11
C TYR D 95 10.59 -20.62 16.46
N CYS D 96 10.54 -21.58 17.37
CA CYS D 96 11.62 -22.53 17.49
C CYS D 96 11.18 -23.87 16.86
N ALA D 97 12.16 -24.64 16.37
CA ALA D 97 11.87 -25.95 15.76
C ALA D 97 13.07 -26.89 15.82
N ARG D 98 12.77 -28.18 15.99
CA ARG D 98 13.77 -29.22 15.90
C ARG D 98 13.81 -29.73 14.46
N SER D 99 15.02 -29.97 13.96
CA SER D 99 15.20 -30.50 12.62
C SER D 99 16.28 -31.57 12.59
N ASP D 100 16.27 -32.35 11.51
CA ASP D 100 17.41 -33.14 11.12
C ASP D 100 18.60 -32.22 11.07
N TYR D 101 19.74 -32.71 11.55
CA TYR D 101 21.00 -32.05 11.34
C TYR D 101 21.52 -32.60 10.04
N GLY D 102 21.15 -31.98 8.93
CA GLY D 102 21.47 -32.50 7.61
C GLY D 102 20.47 -33.55 7.14
N ASN D 103 20.97 -34.61 6.53
CA ASN D 103 20.16 -35.56 5.78
C ASN D 103 18.91 -34.95 5.15
N TYR D 104 17.71 -35.35 5.56
CA TYR D 104 16.49 -34.86 4.89
C TYR D 104 16.14 -33.39 5.20
N GLY D 105 16.79 -32.78 6.19
CA GLY D 105 16.52 -31.37 6.55
C GLY D 105 15.09 -31.03 6.91
N ARG D 106 14.42 -31.93 7.61
CA ARG D 106 13.01 -31.73 7.91
C ARG D 106 12.87 -31.23 9.33
N GLY D 107 11.96 -30.29 9.56
CA GLY D 107 11.66 -29.78 10.89
C GLY D 107 10.51 -30.60 11.45
N ASP D 108 10.80 -31.49 12.40
CA ASP D 108 9.78 -32.49 12.81
C ASP D 108 8.90 -32.06 13.99
N TYR D 109 9.39 -31.13 14.80
CA TYR D 109 8.60 -30.57 15.89
C TYR D 109 8.75 -29.06 15.91
N TRP D 110 7.63 -28.37 16.11
CA TRP D 110 7.66 -26.93 16.16
C TRP D 110 6.99 -26.45 17.42
N GLY D 111 7.53 -25.37 18.00
CA GLY D 111 6.78 -24.59 18.96
C GLY D 111 5.57 -23.90 18.34
N GLN D 112 4.67 -23.38 19.18
CA GLN D 112 3.42 -22.77 18.73
C GLN D 112 3.60 -21.37 18.14
N GLY D 113 4.74 -20.74 18.39
CA GLY D 113 5.01 -19.40 17.88
C GLY D 113 4.77 -18.36 18.94
N THR D 114 5.64 -17.37 19.03
CA THR D 114 5.41 -16.22 19.89
C THR D 114 5.57 -14.95 19.11
N SER D 115 4.66 -14.02 19.37
CA SER D 115 4.58 -12.77 18.64
C SER D 115 5.46 -11.70 19.29
N VAL D 116 6.38 -11.12 18.52
CA VAL D 116 7.21 -9.98 18.99
C VAL D 116 6.92 -8.73 18.16
N THR D 117 6.69 -7.61 18.84
CA THR D 117 6.40 -6.34 18.19
C THR D 117 7.51 -5.34 18.49
N VAL D 118 8.01 -4.70 17.44
CA VAL D 118 9.06 -3.69 17.60
C VAL D 118 8.48 -2.30 17.32
N SER D 119 8.27 -1.54 18.39
CA SER D 119 7.69 -0.19 18.30
C SER D 119 8.11 0.63 19.51
N SER D 120 8.11 1.94 19.36
CA SER D 120 8.44 2.84 20.46
C SER D 120 7.16 3.20 21.22
N ALA D 121 6.01 2.74 20.71
CA ALA D 121 4.71 3.05 21.30
C ALA D 121 4.59 2.53 22.73
N LYS D 122 3.79 3.21 23.54
CA LYS D 122 3.64 2.89 24.96
C LYS D 122 2.60 1.81 25.20
N THR D 123 2.83 0.99 26.20
CA THR D 123 1.88 -0.07 26.55
C THR D 123 0.62 0.53 27.23
N THR D 124 -0.53 0.36 26.59
CA THR D 124 -1.80 1.00 26.98
C THR D 124 -2.92 -0.03 27.21
N PRO D 125 -3.65 0.08 28.33
CA PRO D 125 -4.77 -0.84 28.55
C PRO D 125 -5.96 -0.52 27.65
N PRO D 126 -6.85 -1.50 27.45
CA PRO D 126 -8.01 -1.25 26.60
C PRO D 126 -9.16 -0.60 27.34
N SER D 127 -9.96 0.15 26.60
CA SER D 127 -11.30 0.54 27.03
C SER D 127 -12.27 -0.53 26.56
N VAL D 128 -13.19 -0.95 27.43
CA VAL D 128 -14.16 -2.00 27.10
C VAL D 128 -15.61 -1.47 27.15
N TYR D 129 -16.28 -1.56 26.00
CA TYR D 129 -17.62 -1.01 25.85
C TYR D 129 -18.60 -2.11 25.52
N PRO D 130 -19.79 -2.07 26.16
CA PRO D 130 -20.82 -3.07 25.91
C PRO D 130 -21.53 -2.81 24.59
N LEU D 131 -21.94 -3.88 23.92
CA LEU D 131 -22.76 -3.74 22.70
C LEU D 131 -24.12 -4.41 22.89
N ALA D 132 -25.12 -3.59 23.20
CA ALA D 132 -26.50 -4.06 23.39
C ALA D 132 -27.42 -3.40 22.37
N PRO D 133 -28.47 -4.12 21.93
CA PRO D 133 -29.39 -3.57 20.95
C PRO D 133 -30.01 -2.26 21.43
N GLY D 134 -30.33 -1.37 20.47
CA GLY D 134 -31.02 -0.11 20.76
C GLY D 134 -32.41 -0.35 21.34
N CYS D 135 -32.98 0.66 21.97
CA CYS D 135 -34.23 0.48 22.74
C CYS D 135 -35.40 0.03 21.86
N GLY D 136 -35.64 0.72 20.75
CA GLY D 136 -36.76 0.41 19.86
C GLY D 136 -36.58 -0.80 18.97
N ASP D 137 -35.44 -1.48 19.12
CA ASP D 137 -35.05 -2.60 18.27
C ASP D 137 -35.60 -3.94 18.81
N THR D 138 -36.92 -4.13 18.65
CA THR D 138 -37.61 -5.36 19.04
C THR D 138 -37.15 -6.53 18.13
N THR D 139 -36.77 -7.65 18.75
CA THR D 139 -36.09 -8.74 18.01
C THR D 139 -36.97 -10.00 17.82
N GLY D 140 -36.32 -11.15 17.62
CA GLY D 140 -36.99 -12.44 17.44
C GLY D 140 -36.32 -13.57 18.20
N SER D 141 -35.98 -14.63 17.47
CA SER D 141 -35.67 -15.95 18.04
C SER D 141 -34.46 -15.97 18.99
N SER D 142 -33.41 -15.24 18.62
CA SER D 142 -32.23 -15.11 19.49
C SER D 142 -31.66 -13.70 19.40
N VAL D 143 -30.66 -13.42 20.24
CA VAL D 143 -30.16 -12.07 20.44
C VAL D 143 -28.65 -12.07 20.39
N THR D 144 -28.07 -11.14 19.63
CA THR D 144 -26.61 -10.98 19.56
C THR D 144 -26.15 -9.77 20.36
N SER D 145 -25.22 -10.01 21.26
CA SER D 145 -24.65 -8.99 22.13
C SER D 145 -23.17 -8.96 21.81
N GLY D 146 -22.48 -7.88 22.18
CA GLY D 146 -21.03 -7.83 22.01
C GLY D 146 -20.28 -6.91 22.96
N CYS D 147 -18.95 -6.94 22.84
CA CYS D 147 -18.06 -5.98 23.48
C CYS D 147 -17.09 -5.37 22.46
N LEU D 148 -16.80 -4.08 22.63
CA LEU D 148 -15.81 -3.37 21.82
C LEU D 148 -14.59 -3.10 22.67
N VAL D 149 -13.45 -3.66 22.28
CA VAL D 149 -12.17 -3.45 22.96
C VAL D 149 -11.30 -2.50 22.13
N LYS D 150 -11.22 -1.24 22.55
CA LYS D 150 -10.63 -0.17 21.74
C LYS D 150 -9.45 0.51 22.44
N GLY D 151 -8.46 0.93 21.67
CA GLY D 151 -7.41 1.83 22.14
C GLY D 151 -6.34 1.21 23.03
N TYR D 152 -5.89 0.01 22.70
CA TYR D 152 -4.87 -0.67 23.48
C TYR D 152 -3.60 -0.95 22.68
N PHE D 153 -2.54 -1.30 23.41
CA PHE D 153 -1.25 -1.64 22.85
C PHE D 153 -0.41 -2.35 23.91
N PRO D 154 0.32 -3.39 23.52
CA PRO D 154 0.34 -4.08 22.25
C PRO D 154 -0.81 -5.11 22.16
N GLU D 155 -0.84 -5.87 21.07
CA GLU D 155 -1.67 -7.07 21.03
C GLU D 155 -0.98 -8.07 21.98
N SER D 156 -1.69 -9.02 22.60
CA SER D 156 -3.05 -9.43 22.28
C SER D 156 -4.01 -9.24 23.43
N VAL D 157 -5.27 -9.59 23.17
CA VAL D 157 -6.35 -9.44 24.12
C VAL D 157 -7.19 -10.71 24.11
N THR D 158 -7.69 -11.14 25.27
CA THR D 158 -8.61 -12.28 25.32
C THR D 158 -9.99 -11.83 25.81
N VAL D 159 -11.02 -12.21 25.08
CA VAL D 159 -12.40 -11.94 25.48
C VAL D 159 -13.08 -13.27 25.79
N THR D 160 -13.54 -13.44 27.04
CA THR D 160 -14.33 -14.61 27.43
C THR D 160 -15.73 -14.19 27.90
N TRP D 161 -16.71 -15.07 27.70
CA TRP D 161 -18.11 -14.76 28.02
C TRP D 161 -18.69 -15.69 29.09
N ASN D 162 -19.58 -15.15 29.91
CA ASN D 162 -20.40 -15.95 30.82
C ASN D 162 -21.87 -15.51 30.74
N SER D 163 -22.78 -16.47 30.58
CA SER D 163 -24.21 -16.20 30.34
C SER D 163 -25.20 -17.18 31.03
N GLY D 164 -25.00 -18.49 30.85
CA GLY D 164 -25.86 -19.50 31.48
C GLY D 164 -26.24 -20.67 30.58
N SER D 165 -26.43 -20.41 29.27
CA SER D 165 -26.78 -21.45 28.30
C SER D 165 -25.60 -21.82 27.37
N LEU D 166 -25.28 -23.11 27.29
CA LEU D 166 -24.18 -23.62 26.42
C LEU D 166 -24.55 -23.69 24.93
N SER D 167 -25.58 -22.93 24.53
CA SER D 167 -25.88 -22.65 23.12
C SER D 167 -25.41 -21.22 22.78
N SER D 168 -24.18 -20.89 23.19
CA SER D 168 -23.55 -19.60 22.89
C SER D 168 -22.49 -19.74 21.79
N SER D 169 -22.79 -19.17 20.62
CA SER D 169 -21.81 -19.06 19.55
C SER D 169 -21.05 -17.74 19.75
N VAL D 170 -19.74 -17.85 19.90
CA VAL D 170 -18.86 -16.70 20.07
C VAL D 170 -18.09 -16.46 18.79
N HIS D 171 -17.93 -15.20 18.43
CA HIS D 171 -17.01 -14.82 17.36
C HIS D 171 -16.03 -13.78 17.89
N THR D 172 -14.75 -13.98 17.58
CA THR D 172 -13.68 -13.09 17.99
C THR D 172 -13.03 -12.50 16.74
N PHE D 173 -13.20 -11.19 16.54
CA PHE D 173 -12.72 -10.55 15.33
C PHE D 173 -11.29 -10.04 15.53
N PRO D 174 -10.40 -10.30 14.57
CA PRO D 174 -9.01 -9.87 14.72
C PRO D 174 -8.89 -8.35 14.83
N ALA D 175 -7.94 -7.89 15.64
CA ALA D 175 -7.71 -6.48 15.89
C ALA D 175 -7.15 -5.76 14.68
N LEU D 176 -7.43 -4.46 14.58
CA LEU D 176 -6.87 -3.58 13.55
C LEU D 176 -6.26 -2.33 14.19
N LEU D 177 -5.27 -1.74 13.50
CA LEU D 177 -4.58 -0.55 14.01
C LEU D 177 -5.34 0.70 13.63
N GLN D 178 -5.93 1.34 14.63
CA GLN D 178 -6.64 2.60 14.44
C GLN D 178 -5.76 3.76 14.91
N SER D 179 -4.90 4.24 14.00
CA SER D 179 -4.00 5.38 14.25
C SER D 179 -3.13 5.20 15.51
N GLY D 180 -2.18 4.27 15.40
CA GLY D 180 -1.26 3.96 16.50
C GLY D 180 -1.73 2.88 17.47
N LEU D 181 -3.05 2.69 17.61
CA LEU D 181 -3.61 1.80 18.66
C LEU D 181 -4.55 0.74 18.09
N TYR D 182 -4.73 -0.34 18.87
CA TYR D 182 -5.52 -1.50 18.42
C TYR D 182 -6.98 -1.44 18.87
N THR D 183 -7.86 -1.94 18.00
CA THR D 183 -9.27 -2.07 18.27
C THR D 183 -9.75 -3.42 17.79
N MET D 184 -10.46 -4.14 18.64
CA MET D 184 -11.11 -5.38 18.25
C MET D 184 -12.50 -5.46 18.87
N SER D 185 -13.17 -6.58 18.65
CA SER D 185 -14.52 -6.75 19.11
C SER D 185 -14.85 -8.22 19.14
N SER D 186 -15.89 -8.56 19.88
CA SER D 186 -16.34 -9.93 20.00
C SER D 186 -17.85 -9.93 20.15
N SER D 187 -18.49 -10.96 19.60
CA SER D 187 -19.92 -11.09 19.65
C SER D 187 -20.30 -12.40 20.29
N VAL D 188 -21.49 -12.44 20.86
CA VAL D 188 -22.06 -13.67 21.39
C VAL D 188 -23.56 -13.71 21.10
N THR D 189 -24.05 -14.87 20.72
CA THR D 189 -25.46 -15.06 20.39
C THR D 189 -26.12 -16.05 21.36
N VAL D 190 -27.19 -15.60 22.01
CA VAL D 190 -27.92 -16.40 23.00
C VAL D 190 -29.40 -16.38 22.65
N PRO D 191 -30.17 -17.38 23.12
CA PRO D 191 -31.61 -17.33 22.81
C PRO D 191 -32.26 -16.10 23.43
N SER D 192 -33.29 -15.58 22.78
CA SER D 192 -33.97 -14.36 23.26
C SER D 192 -34.67 -14.57 24.61
N SER D 193 -34.98 -15.82 24.94
CA SER D 193 -35.63 -16.17 26.20
C SER D 193 -34.64 -16.29 27.37
N THR D 194 -33.34 -16.06 27.13
CA THR D 194 -32.35 -16.08 28.19
C THR D 194 -31.79 -14.69 28.51
N TRP D 195 -32.08 -13.70 27.68
CA TRP D 195 -31.60 -12.32 27.91
C TRP D 195 -32.72 -11.32 27.57
N PRO D 196 -32.94 -10.32 28.44
CA PRO D 196 -32.13 -9.90 29.59
C PRO D 196 -32.39 -10.64 30.91
N SER D 197 -33.15 -11.74 30.87
CA SER D 197 -33.45 -12.53 32.08
C SER D 197 -32.19 -12.96 32.83
N GLU D 198 -31.31 -13.69 32.15
CA GLU D 198 -30.02 -14.11 32.72
C GLU D 198 -28.91 -13.14 32.33
N THR D 199 -28.17 -12.68 33.35
CA THR D 199 -27.06 -11.75 33.18
C THR D 199 -26.02 -12.24 32.16
N VAL D 200 -25.51 -11.33 31.32
CA VAL D 200 -24.43 -11.64 30.39
C VAL D 200 -23.31 -10.62 30.57
N THR D 201 -22.09 -11.11 30.77
CA THR D 201 -20.96 -10.23 30.99
C THR D 201 -19.76 -10.71 30.16
N CYS D 202 -19.01 -9.77 29.59
CA CYS D 202 -17.76 -10.14 28.90
C CYS D 202 -16.57 -9.78 29.76
N SER D 203 -15.53 -10.62 29.65
CA SER D 203 -14.28 -10.44 30.39
C SER D 203 -13.14 -10.17 29.44
N VAL D 204 -12.45 -9.04 29.62
CA VAL D 204 -11.37 -8.66 28.72
C VAL D 204 -10.04 -8.55 29.46
N ALA D 205 -9.13 -9.48 29.16
CA ALA D 205 -7.80 -9.52 29.74
C ALA D 205 -6.78 -8.95 28.77
N HIS D 206 -5.86 -8.14 29.28
CA HIS D 206 -4.76 -7.59 28.50
C HIS D 206 -3.44 -7.80 29.28
N PRO D 207 -2.71 -8.89 28.99
CA PRO D 207 -1.52 -9.28 29.76
C PRO D 207 -0.36 -8.27 29.73
N ALA D 208 -0.17 -7.58 28.61
CA ALA D 208 0.90 -6.58 28.50
C ALA D 208 0.78 -5.52 29.58
N SER D 209 -0.46 -5.15 29.85
CA SER D 209 -0.80 -4.15 30.85
C SER D 209 -1.24 -4.79 32.18
N SER D 210 -1.27 -6.12 32.18
CA SER D 210 -1.85 -6.96 33.26
C SER D 210 -3.16 -6.41 33.86
N THR D 211 -4.11 -6.13 32.98
CA THR D 211 -5.42 -5.64 33.37
C THR D 211 -6.52 -6.61 32.99
N THR D 212 -7.61 -6.59 33.76
CA THR D 212 -8.82 -7.35 33.43
C THR D 212 -10.06 -6.56 33.82
N VAL D 213 -10.97 -6.38 32.86
CA VAL D 213 -12.25 -5.71 33.12
C VAL D 213 -13.42 -6.61 32.70
N ASP D 214 -14.54 -6.44 33.41
CA ASP D 214 -15.77 -7.17 33.13
C ASP D 214 -16.89 -6.18 32.88
N LYS D 215 -17.47 -6.21 31.69
CA LYS D 215 -18.65 -5.43 31.39
C LYS D 215 -19.89 -6.30 31.37
N LYS D 216 -20.85 -5.93 32.20
CA LYS D 216 -22.16 -6.53 32.18
C LYS D 216 -22.96 -5.85 31.06
N LEU D 217 -23.72 -6.65 30.33
CA LEU D 217 -24.52 -6.14 29.23
C LEU D 217 -25.92 -5.80 29.69
N GLU D 218 -26.34 -4.56 29.43
CA GLU D 218 -27.64 -4.07 29.90
C GLU D 218 -28.58 -3.80 28.71
N PRO D 219 -29.87 -4.16 28.86
CA PRO D 219 -30.86 -3.71 27.88
C PRO D 219 -31.08 -2.20 27.96
#